data_7F2M
#
_entry.id   7F2M
#
_cell.length_a   57.487
_cell.length_b   80.157
_cell.length_c   162.787
_cell.angle_alpha   90.000
_cell.angle_beta   90.000
_cell.angle_gamma   90.000
#
_symmetry.space_group_name_H-M   'P 21 21 21'
#
loop_
_entity.id
_entity.type
_entity.pdbx_description
1 polymer "Isoform 3 of cAMP-specific 3',5'-cyclic phosphodiesterase 4D"
2 non-polymer 'ZINC ION'
3 non-polymer 'MAGNESIUM ION'
4 non-polymer '(~{Z})-4-[9-[(4-fluorophenyl)methoxy]-8-methoxy-2,2-dimethyl-7-(3-methylbut-2-enyl)-6-oxidanylidene-pyrano[3,2-b]xanthen-5-yl]oxybut-2-enoic acid'
5 water water
#
_entity_poly.entity_id   1
_entity_poly.type   'polypeptide(L)'
_entity_poly.pdbx_seq_one_letter_code
;MASNKFKRMLNRELTHLSEMSRSGNQVSEFISNTFLDKQHEVEIPSPTQKEKEKKKRPMSQISGVKKLMHSSSLTNSSIP
RFGVKTEQEDVLAKELEDVNKWGLHVFRIAELSGNRPLTVIMHTIFQERDLLKTFKIPVDTLITYLMTLEDHYHADVAYH
NNIHAADVVQSTHVLLSTPALEAVFTDLEILAAIFASAIHDVDHPGVSNQFLINTNSELALMYNDSSVLENHHLAVGFKL
LQEENCDIFQNLTKKQRQSLRKMVIDIVLATDMSKHMNLLADLKTMVETKKVTSSGVLLLDNYSDRIQVLQNMVHCADLS
NPTKPLQLYRQWTDRIMEEFFRQGDRERERGMEISPMCDKHNASVEKSQVGFIDYIVHPLWETWADLVHPDAQDILDTLE
DNREWYQSTIPQSPSPAPDDPEEGRQGQTEKFQFELTLEEDGESDTEKDSGSQVEEDTSCSDSKTLCTQDSESTEIPLDE
QVEEEAVGEEEESQPEACVIDDRSPDT
;
_entity_poly.pdbx_strand_id   A,B
#
loop_
_chem_comp.id
_chem_comp.type
_chem_comp.name
_chem_comp.formula
1GF non-polymer '(~{Z})-4-[9-[(4-fluorophenyl)methoxy]-8-methoxy-2,2-dimethyl-7-(3-methylbut-2-enyl)-6-oxidanylidene-pyrano[3,2-b]xanthen-5-yl]oxybut-2-enoic acid' 'C35 H33 F O8'
MG non-polymer 'MAGNESIUM ION' 'Mg 2'
ZN non-polymer 'ZINC ION' 'Zn 2'
#
# COMPACT_ATOMS: atom_id res chain seq x y z
N THR A 86 -37.37 -24.07 -15.06
CA THR A 86 -38.59 -23.34 -14.73
C THR A 86 -38.84 -22.24 -15.73
N GLU A 87 -39.97 -21.56 -15.55
CA GLU A 87 -40.28 -20.37 -16.32
C GLU A 87 -39.55 -19.15 -15.78
N GLN A 88 -39.37 -19.08 -14.45
CA GLN A 88 -38.68 -17.94 -13.87
C GLN A 88 -37.26 -17.84 -14.41
N GLU A 89 -36.63 -18.96 -14.73
CA GLU A 89 -35.31 -18.90 -15.32
C GLU A 89 -35.35 -18.49 -16.79
N ASP A 90 -36.48 -18.67 -17.46
CA ASP A 90 -36.53 -18.09 -18.81
C ASP A 90 -36.77 -16.58 -18.77
N VAL A 91 -37.48 -16.09 -17.75
CA VAL A 91 -37.58 -14.64 -17.56
C VAL A 91 -36.21 -14.03 -17.30
N LEU A 92 -35.39 -14.73 -16.51
CA LEU A 92 -34.02 -14.29 -16.25
C LEU A 92 -33.15 -14.41 -17.50
N ALA A 93 -33.29 -15.51 -18.24
CA ALA A 93 -32.55 -15.68 -19.49
C ALA A 93 -32.88 -14.55 -20.46
N LYS A 94 -34.14 -14.12 -20.50
CA LYS A 94 -34.54 -13.01 -21.35
C LYS A 94 -33.92 -11.70 -20.90
N GLU A 95 -33.92 -11.45 -19.58
CA GLU A 95 -33.32 -10.22 -19.08
C GLU A 95 -31.80 -10.22 -19.29
N LEU A 96 -31.17 -11.39 -19.25
CA LEU A 96 -29.73 -11.50 -19.46
C LEU A 96 -29.34 -11.34 -20.93
N GLU A 97 -30.32 -11.19 -21.83
CA GLU A 97 -29.99 -10.78 -23.19
C GLU A 97 -29.52 -9.33 -23.26
N ASP A 98 -29.84 -8.50 -22.25
CA ASP A 98 -29.44 -7.10 -22.24
C ASP A 98 -28.03 -6.88 -21.71
N VAL A 99 -27.26 -7.95 -21.47
CA VAL A 99 -25.99 -7.83 -20.78
C VAL A 99 -25.00 -6.96 -21.55
N ASN A 100 -25.21 -6.75 -22.84
CA ASN A 100 -24.31 -5.93 -23.64
C ASN A 100 -24.78 -4.48 -23.73
N LYS A 101 -25.81 -4.10 -23.00
CA LYS A 101 -26.43 -2.80 -23.11
C LYS A 101 -26.25 -2.02 -21.82
N TRP A 102 -25.87 -0.75 -21.97
CA TRP A 102 -25.82 0.16 -20.84
C TRP A 102 -27.19 0.28 -20.23
N GLY A 103 -27.26 0.19 -18.91
CA GLY A 103 -28.56 0.36 -18.27
C GLY A 103 -29.38 -0.90 -18.19
N LEU A 104 -28.76 -2.07 -18.33
CA LEU A 104 -29.32 -3.32 -17.84
C LEU A 104 -30.07 -3.06 -16.54
N HIS A 105 -31.22 -3.72 -16.38
CA HIS A 105 -31.98 -3.55 -15.13
C HIS A 105 -31.42 -4.51 -14.12
N VAL A 106 -30.38 -4.07 -13.42
CA VAL A 106 -29.62 -4.97 -12.57
C VAL A 106 -30.41 -5.38 -11.33
N PHE A 107 -31.30 -4.50 -10.84
CA PHE A 107 -32.11 -4.87 -9.67
C PHE A 107 -33.10 -5.96 -10.03
N ARG A 108 -33.65 -5.91 -11.24
CA ARG A 108 -34.56 -6.96 -11.69
C ARG A 108 -33.82 -8.29 -11.80
N ILE A 109 -32.61 -8.27 -12.34
CA ILE A 109 -31.81 -9.48 -12.44
C ILE A 109 -31.47 -10.02 -11.06
N ALA A 110 -31.26 -9.13 -10.08
CA ALA A 110 -31.07 -9.62 -8.72
C ALA A 110 -32.34 -10.32 -8.21
N GLU A 111 -33.52 -9.81 -8.55
CA GLU A 111 -34.76 -10.46 -8.16
C GLU A 111 -34.90 -11.83 -8.83
N LEU A 112 -34.80 -11.86 -10.16
CA LEU A 112 -35.04 -13.07 -10.91
C LEU A 112 -33.97 -14.12 -10.67
N SER A 113 -32.77 -13.72 -10.28
CA SER A 113 -31.70 -14.65 -10.03
C SER A 113 -31.67 -15.14 -8.59
N GLY A 114 -32.65 -14.75 -7.76
CA GLY A 114 -32.60 -15.14 -6.37
C GLY A 114 -31.39 -14.55 -5.67
N ASN A 115 -31.31 -13.22 -5.68
CA ASN A 115 -30.17 -12.45 -5.13
C ASN A 115 -28.82 -13.00 -5.58
N ARG A 116 -28.74 -13.39 -6.85
CA ARG A 116 -27.43 -13.81 -7.33
C ARG A 116 -27.00 -13.01 -8.56
N PRO A 117 -27.13 -11.67 -8.58
CA PRO A 117 -26.77 -10.95 -9.81
C PRO A 117 -25.32 -11.08 -10.19
N LEU A 118 -24.41 -11.06 -9.21
CA LEU A 118 -22.99 -11.14 -9.51
C LEU A 118 -22.66 -12.44 -10.23
N THR A 119 -23.19 -13.55 -9.73
CA THR A 119 -22.90 -14.85 -10.33
C THR A 119 -23.46 -14.94 -11.75
N VAL A 120 -24.73 -14.60 -11.95
CA VAL A 120 -25.32 -14.83 -13.27
C VAL A 120 -24.76 -13.85 -14.27
N ILE A 121 -24.48 -12.61 -13.85
CA ILE A 121 -23.94 -11.64 -14.80
C ILE A 121 -22.50 -11.97 -15.14
N MET A 122 -21.70 -12.39 -14.15
CA MET A 122 -20.34 -12.84 -14.45
C MET A 122 -20.36 -14.06 -15.37
N HIS A 123 -21.20 -15.04 -15.05
CA HIS A 123 -21.27 -16.23 -15.89
C HIS A 123 -21.68 -15.87 -17.30
N THR A 124 -22.73 -15.04 -17.43
CA THR A 124 -23.18 -14.62 -18.75
C THR A 124 -22.07 -13.91 -19.50
N ILE A 125 -21.33 -13.04 -18.82
CA ILE A 125 -20.27 -12.31 -19.50
C ILE A 125 -19.12 -13.24 -19.90
N PHE A 126 -18.73 -14.15 -19.00
CA PHE A 126 -17.68 -15.10 -19.36
C PHE A 126 -18.05 -15.92 -20.59
N GLN A 127 -19.31 -16.37 -20.68
CA GLN A 127 -19.78 -17.06 -21.88
C GLN A 127 -19.66 -16.18 -23.11
N GLU A 128 -20.19 -14.96 -23.00
CA GLU A 128 -20.29 -14.06 -24.12
C GLU A 128 -18.92 -13.75 -24.71
N ARG A 129 -17.91 -13.59 -23.87
CA ARG A 129 -16.54 -13.33 -24.32
C ARG A 129 -15.72 -14.59 -24.53
N ASP A 130 -16.32 -15.77 -24.38
CA ASP A 130 -15.67 -17.06 -24.61
C ASP A 130 -14.46 -17.25 -23.70
N LEU A 131 -14.55 -16.72 -22.48
CA LEU A 131 -13.42 -16.74 -21.57
C LEU A 131 -13.23 -18.10 -20.92
N LEU A 132 -14.31 -18.89 -20.77
CA LEU A 132 -14.18 -20.23 -20.20
C LEU A 132 -13.37 -21.13 -21.11
N LYS A 133 -13.63 -21.06 -22.42
CA LYS A 133 -12.85 -21.84 -23.36
C LYS A 133 -11.44 -21.29 -23.47
N THR A 134 -11.31 -19.96 -23.57
CA THR A 134 -10.00 -19.36 -23.77
C THR A 134 -9.06 -19.69 -22.62
N PHE A 135 -9.55 -19.66 -21.40
CA PHE A 135 -8.69 -19.85 -20.25
C PHE A 135 -8.94 -21.19 -19.56
N LYS A 136 -9.60 -22.12 -20.27
CA LYS A 136 -9.86 -23.47 -19.77
C LYS A 136 -10.40 -23.43 -18.36
N ILE A 137 -11.39 -22.56 -18.14
CA ILE A 137 -12.03 -22.44 -16.83
C ILE A 137 -13.14 -23.49 -16.75
N PRO A 138 -13.06 -24.44 -15.82
CA PRO A 138 -14.15 -25.40 -15.67
C PRO A 138 -15.39 -24.70 -15.14
N VAL A 139 -16.52 -24.99 -15.77
CA VAL A 139 -17.73 -24.20 -15.53
C VAL A 139 -18.17 -24.32 -14.07
N ASP A 140 -17.98 -25.49 -13.47
CA ASP A 140 -18.39 -25.68 -12.08
C ASP A 140 -17.48 -24.94 -11.10
N THR A 141 -16.20 -24.82 -11.45
CA THR A 141 -15.28 -24.00 -10.66
C THR A 141 -15.67 -22.52 -10.74
N LEU A 142 -16.08 -22.06 -11.93
CA LEU A 142 -16.48 -20.67 -12.07
C LEU A 142 -17.68 -20.37 -11.17
N ILE A 143 -18.71 -21.24 -11.22
CA ILE A 143 -19.91 -21.01 -10.43
C ILE A 143 -19.60 -21.08 -8.94
N THR A 144 -18.84 -22.07 -8.50
CA THR A 144 -18.48 -22.18 -7.09
C THR A 144 -17.75 -20.92 -6.60
N TYR A 145 -16.74 -20.46 -7.35
CA TYR A 145 -16.05 -19.25 -6.91
C TYR A 145 -16.99 -18.05 -6.93
N LEU A 146 -17.78 -17.89 -7.99
CA LEU A 146 -18.64 -16.71 -8.07
C LEU A 146 -19.62 -16.67 -6.90
N MET A 147 -20.18 -17.82 -6.53
CA MET A 147 -21.12 -17.83 -5.41
C MET A 147 -20.44 -17.52 -4.10
N THR A 148 -19.22 -18.05 -3.89
CA THR A 148 -18.48 -17.75 -2.66
C THR A 148 -18.11 -16.27 -2.60
N LEU A 149 -17.64 -15.72 -3.72
CA LEU A 149 -17.41 -14.28 -3.83
C LEU A 149 -18.69 -13.52 -3.50
N GLU A 150 -19.77 -13.78 -4.24
CA GLU A 150 -21.04 -13.12 -3.95
C GLU A 150 -21.39 -13.23 -2.47
N ASP A 151 -21.16 -14.40 -1.87
CA ASP A 151 -21.47 -14.57 -0.44
C ASP A 151 -20.71 -13.59 0.43
N HIS A 152 -19.49 -13.21 0.07
CA HIS A 152 -18.69 -12.35 0.95
C HIS A 152 -18.91 -10.86 0.71
N TYR A 153 -19.86 -10.49 -0.14
CA TYR A 153 -20.46 -9.17 -0.07
C TYR A 153 -21.54 -9.19 1.02
N HIS A 154 -21.68 -8.06 1.70
CA HIS A 154 -22.65 -7.94 2.78
C HIS A 154 -24.03 -7.63 2.20
N ALA A 155 -25.01 -8.51 2.47
CA ALA A 155 -26.37 -8.24 2.02
C ALA A 155 -27.08 -7.19 2.87
N ASP A 156 -26.58 -6.88 4.07
CA ASP A 156 -27.17 -5.88 4.94
C ASP A 156 -26.50 -4.51 4.80
N VAL A 157 -25.83 -4.28 3.69
CA VAL A 157 -25.24 -2.99 3.37
C VAL A 157 -25.93 -2.50 2.10
N ALA A 158 -26.43 -1.27 2.13
CA ALA A 158 -27.43 -0.91 1.13
C ALA A 158 -26.83 -0.64 -0.24
N TYR A 159 -25.59 -0.15 -0.31
CA TYR A 159 -24.95 0.22 -1.57
C TYR A 159 -23.82 -0.73 -1.94
N HIS A 160 -22.80 -0.83 -1.11
CA HIS A 160 -21.60 -1.58 -1.46
C HIS A 160 -21.82 -3.08 -1.25
N ASN A 161 -22.73 -3.63 -2.06
CA ASN A 161 -23.11 -5.02 -1.97
C ASN A 161 -22.91 -5.71 -3.33
N ASN A 162 -23.38 -6.96 -3.41
CA ASN A 162 -23.24 -7.81 -4.58
C ASN A 162 -23.96 -7.25 -5.79
N ILE A 163 -24.97 -6.41 -5.58
CA ILE A 163 -25.65 -5.78 -6.71
C ILE A 163 -24.77 -4.69 -7.29
N HIS A 164 -24.20 -3.85 -6.43
CA HIS A 164 -23.20 -2.88 -6.89
C HIS A 164 -22.08 -3.60 -7.63
N ALA A 165 -21.57 -4.69 -7.04
CA ALA A 165 -20.54 -5.49 -7.71
C ALA A 165 -20.99 -5.95 -9.09
N ALA A 166 -22.18 -6.55 -9.16
CA ALA A 166 -22.70 -6.99 -10.46
C ALA A 166 -22.78 -5.83 -11.44
N ASP A 167 -23.20 -4.65 -10.95
CA ASP A 167 -23.39 -3.48 -11.81
C ASP A 167 -22.05 -2.99 -12.36
N VAL A 168 -21.01 -2.98 -11.53
CA VAL A 168 -19.70 -2.51 -11.97
C VAL A 168 -19.09 -3.48 -12.97
N VAL A 169 -19.25 -4.79 -12.73
CA VAL A 169 -18.84 -5.80 -13.70
C VAL A 169 -19.49 -5.58 -15.05
N GLN A 170 -20.82 -5.45 -15.07
CA GLN A 170 -21.51 -5.35 -16.35
C GLN A 170 -21.22 -4.03 -17.04
N SER A 171 -21.00 -2.96 -16.27
CA SER A 171 -20.68 -1.67 -16.87
C SER A 171 -19.27 -1.70 -17.48
N THR A 172 -18.32 -2.31 -16.78
CA THR A 172 -16.99 -2.47 -17.35
C THR A 172 -17.03 -3.30 -18.61
N HIS A 173 -17.84 -4.36 -18.61
CA HIS A 173 -17.98 -5.22 -19.78
C HIS A 173 -18.39 -4.43 -21.01
N VAL A 174 -19.41 -3.58 -20.87
CA VAL A 174 -19.85 -2.74 -21.99
C VAL A 174 -18.76 -1.74 -22.37
N LEU A 175 -18.09 -1.17 -21.37
CA LEU A 175 -17.04 -0.21 -21.68
C LEU A 175 -15.86 -0.89 -22.39
N LEU A 176 -15.62 -2.17 -22.14
CA LEU A 176 -14.58 -2.88 -22.88
C LEU A 176 -14.93 -3.03 -24.35
N SER A 177 -16.22 -3.06 -24.66
CA SER A 177 -16.74 -3.36 -25.99
C SER A 177 -16.74 -2.15 -26.91
N THR A 178 -16.39 -0.98 -26.39
CA THR A 178 -16.54 0.23 -27.16
C THR A 178 -15.68 0.17 -28.42
N PRO A 179 -16.16 0.73 -29.54
CA PRO A 179 -15.37 0.67 -30.80
C PRO A 179 -13.95 1.19 -30.67
N ALA A 180 -13.74 2.35 -30.04
CA ALA A 180 -12.40 2.90 -29.96
C ALA A 180 -11.41 1.99 -29.25
N LEU A 181 -11.86 0.87 -28.67
CA LEU A 181 -10.98 -0.04 -27.97
C LEU A 181 -10.96 -1.43 -28.58
N GLU A 182 -11.54 -1.60 -29.76
CA GLU A 182 -11.65 -2.92 -30.36
C GLU A 182 -10.26 -3.51 -30.59
N ALA A 183 -10.06 -4.72 -30.07
CA ALA A 183 -8.79 -5.46 -30.18
C ALA A 183 -7.61 -4.73 -29.54
N VAL A 184 -7.88 -3.81 -28.60
CA VAL A 184 -6.79 -3.12 -27.93
C VAL A 184 -6.20 -3.96 -26.81
N PHE A 185 -7.05 -4.66 -26.06
CA PHE A 185 -6.61 -5.35 -24.85
C PHE A 185 -6.56 -6.86 -25.06
N THR A 186 -5.54 -7.51 -24.50
CA THR A 186 -5.45 -8.96 -24.62
C THR A 186 -6.62 -9.62 -23.88
N ASP A 187 -6.80 -10.92 -24.15
CA ASP A 187 -7.76 -11.70 -23.40
C ASP A 187 -7.41 -11.74 -21.92
N LEU A 188 -6.12 -11.71 -21.60
CA LEU A 188 -5.69 -11.64 -20.21
C LEU A 188 -6.07 -10.30 -19.58
N GLU A 189 -5.91 -9.20 -20.32
CA GLU A 189 -6.26 -7.91 -19.75
C GLU A 189 -7.76 -7.75 -19.58
N ILE A 190 -8.54 -8.28 -20.53
CA ILE A 190 -9.99 -8.31 -20.36
C ILE A 190 -10.36 -9.13 -19.14
N LEU A 191 -9.73 -10.28 -18.98
CA LEU A 191 -9.99 -11.09 -17.81
C LEU A 191 -9.63 -10.34 -16.53
N ALA A 192 -8.51 -9.62 -16.52
CA ALA A 192 -8.14 -8.93 -15.28
C ALA A 192 -9.13 -7.82 -14.95
N ALA A 193 -9.55 -7.06 -15.96
CA ALA A 193 -10.47 -5.96 -15.75
C ALA A 193 -11.79 -6.44 -15.19
N ILE A 194 -12.31 -7.54 -15.72
CA ILE A 194 -13.63 -8.03 -15.29
C ILE A 194 -13.57 -8.67 -13.91
N PHE A 195 -12.54 -9.48 -13.66
CA PHE A 195 -12.31 -10.01 -12.31
C PHE A 195 -12.12 -8.90 -11.28
N ALA A 196 -11.29 -7.90 -11.60
CA ALA A 196 -11.12 -6.78 -10.69
C ALA A 196 -12.46 -6.15 -10.34
N SER A 197 -13.29 -5.91 -11.36
CA SER A 197 -14.59 -5.29 -11.13
C SER A 197 -15.44 -6.14 -10.19
N ALA A 198 -15.42 -7.46 -10.36
CA ALA A 198 -16.24 -8.34 -9.53
C ALA A 198 -15.79 -8.32 -8.09
N ILE A 199 -14.48 -8.32 -7.83
CA ILE A 199 -14.02 -8.37 -6.44
C ILE A 199 -13.88 -6.98 -5.83
N HIS A 200 -14.17 -5.91 -6.58
CA HIS A 200 -13.56 -4.63 -6.27
C HIS A 200 -14.05 -4.03 -4.97
N ASP A 201 -15.18 -4.49 -4.42
CA ASP A 201 -15.68 -4.00 -3.14
C ASP A 201 -16.04 -5.13 -2.18
N VAL A 202 -15.54 -6.35 -2.38
CA VAL A 202 -16.03 -7.48 -1.59
C VAL A 202 -15.74 -7.28 -0.09
N ASP A 203 -16.74 -7.63 0.74
CA ASP A 203 -16.66 -7.50 2.20
C ASP A 203 -16.58 -6.03 2.64
N HIS A 204 -17.10 -5.12 1.84
CA HIS A 204 -17.27 -3.73 2.24
C HIS A 204 -18.21 -3.65 3.43
N PRO A 205 -17.80 -3.05 4.56
CA PRO A 205 -18.71 -2.92 5.70
C PRO A 205 -19.70 -1.78 5.62
N GLY A 206 -19.70 -1.00 4.54
CA GLY A 206 -20.64 0.08 4.41
C GLY A 206 -20.23 1.36 5.09
N VAL A 207 -18.96 1.49 5.45
CA VAL A 207 -18.40 2.76 5.91
C VAL A 207 -17.14 3.04 5.09
N SER A 208 -16.67 4.29 5.18
CA SER A 208 -15.59 4.80 4.33
C SER A 208 -14.22 4.46 4.90
N ASN A 209 -13.19 4.66 4.08
CA ASN A 209 -11.81 4.58 4.57
C ASN A 209 -11.61 5.57 5.72
N GLN A 210 -12.09 6.80 5.56
CA GLN A 210 -11.83 7.82 6.58
C GLN A 210 -12.49 7.45 7.89
N PHE A 211 -13.72 6.89 7.82
CA PHE A 211 -14.36 6.39 9.04
C PHE A 211 -13.53 5.28 9.65
N LEU A 212 -13.01 4.40 8.82
CA LEU A 212 -12.23 3.29 9.34
C LEU A 212 -10.93 3.79 9.97
N ILE A 213 -10.34 4.85 9.42
CA ILE A 213 -9.13 5.42 10.01
C ILE A 213 -9.46 6.16 11.31
N ASN A 214 -10.51 6.99 11.26
CA ASN A 214 -10.86 7.82 12.41
C ASN A 214 -11.27 6.98 13.61
N THR A 215 -11.84 5.80 13.39
CA THR A 215 -12.27 4.97 14.51
C THR A 215 -11.23 3.97 14.97
N ASN A 216 -9.99 4.05 14.45
CA ASN A 216 -8.91 3.12 14.80
C ASN A 216 -9.33 1.67 14.61
N SER A 217 -9.97 1.40 13.46
CA SER A 217 -10.43 0.04 13.18
C SER A 217 -9.26 -0.93 12.95
N GLU A 218 -9.54 -2.20 13.22
CA GLU A 218 -8.64 -3.29 12.89
C GLU A 218 -8.18 -3.21 11.43
N LEU A 219 -9.12 -2.92 10.51
CA LEU A 219 -8.76 -2.76 9.10
C LEU A 219 -7.70 -1.69 8.93
N ALA A 220 -7.91 -0.53 9.55
CA ALA A 220 -6.96 0.58 9.40
C ALA A 220 -5.61 0.23 10.04
N LEU A 221 -5.63 -0.46 11.18
CA LEU A 221 -4.40 -0.90 11.83
C LEU A 221 -3.65 -1.88 10.93
N MET A 222 -4.37 -2.79 10.28
CA MET A 222 -3.73 -3.78 9.43
C MET A 222 -3.06 -3.12 8.23
N TYR A 223 -3.71 -2.14 7.62
CA TYR A 223 -3.23 -1.57 6.36
C TYR A 223 -2.63 -0.18 6.50
N ASN A 224 -2.34 0.27 7.72
CA ASN A 224 -1.62 1.53 7.94
C ASN A 224 -2.27 2.71 7.23
N ASP A 225 -3.60 2.79 7.35
CA ASP A 225 -4.40 3.91 6.87
C ASP A 225 -4.26 4.17 5.37
N SER A 226 -3.68 3.26 4.58
CA SER A 226 -3.47 3.51 3.16
C SER A 226 -4.30 2.53 2.35
N SER A 227 -5.16 3.05 1.46
CA SER A 227 -6.11 2.22 0.68
C SER A 227 -6.67 1.05 1.50
N VAL A 228 -7.21 1.38 2.67
CA VAL A 228 -7.57 0.35 3.66
C VAL A 228 -8.60 -0.61 3.10
N LEU A 229 -9.71 -0.08 2.58
CA LEU A 229 -10.76 -0.94 2.04
C LEU A 229 -10.28 -1.67 0.79
N GLU A 230 -9.57 -0.97 -0.10
CA GLU A 230 -9.21 -1.53 -1.39
C GLU A 230 -8.17 -2.64 -1.26
N ASN A 231 -7.23 -2.50 -0.33
CA ASN A 231 -6.34 -3.61 0.01
C ASN A 231 -7.15 -4.81 0.48
N HIS A 232 -8.14 -4.54 1.33
CA HIS A 232 -8.91 -5.63 1.92
C HIS A 232 -9.72 -6.34 0.85
N HIS A 233 -10.31 -5.61 -0.09
CA HIS A 233 -11.08 -6.26 -1.14
C HIS A 233 -10.21 -7.19 -1.96
N LEU A 234 -9.00 -6.75 -2.31
CA LEU A 234 -8.07 -7.57 -3.06
C LEU A 234 -7.69 -8.82 -2.28
N ALA A 235 -7.33 -8.64 -1.00
CA ALA A 235 -6.94 -9.79 -0.17
C ALA A 235 -8.05 -10.82 -0.08
N VAL A 236 -9.30 -10.37 0.14
CA VAL A 236 -10.42 -11.30 0.22
C VAL A 236 -10.69 -11.95 -1.13
N GLY A 237 -10.70 -11.13 -2.19
CA GLY A 237 -10.96 -11.66 -3.53
C GLY A 237 -9.97 -12.75 -3.97
N PHE A 238 -8.67 -12.54 -3.72
CA PHE A 238 -7.67 -13.54 -4.10
C PHE A 238 -7.70 -14.74 -3.17
N LYS A 239 -7.93 -14.51 -1.88
CA LYS A 239 -7.87 -15.60 -0.92
C LYS A 239 -8.99 -16.61 -1.15
N LEU A 240 -10.13 -16.17 -1.69
CA LEU A 240 -11.23 -17.09 -1.95
C LEU A 240 -10.95 -18.02 -3.12
N LEU A 241 -10.02 -17.66 -4.01
CA LEU A 241 -9.56 -18.59 -5.03
C LEU A 241 -8.99 -19.87 -4.43
N GLN A 242 -8.61 -19.85 -3.16
CA GLN A 242 -8.01 -21.01 -2.52
C GLN A 242 -9.04 -21.95 -1.91
N GLU A 243 -10.33 -21.60 -1.95
CA GLU A 243 -11.34 -22.48 -1.38
C GLU A 243 -11.61 -23.66 -2.31
N GLU A 244 -12.26 -24.69 -1.77
CA GLU A 244 -12.49 -25.91 -2.54
C GLU A 244 -13.15 -25.64 -3.90
N ASN A 245 -12.47 -26.05 -4.97
CA ASN A 245 -12.97 -25.92 -6.35
C ASN A 245 -13.30 -24.47 -6.71
N CYS A 246 -12.49 -23.53 -6.24
CA CYS A 246 -12.72 -22.11 -6.50
C CYS A 246 -11.63 -21.45 -7.33
N ASP A 247 -10.54 -22.14 -7.63
CA ASP A 247 -9.43 -21.52 -8.34
C ASP A 247 -9.77 -21.48 -9.83
N ILE A 248 -10.49 -20.43 -10.21
CA ILE A 248 -10.86 -20.26 -11.61
C ILE A 248 -9.67 -19.97 -12.50
N PHE A 249 -8.46 -19.78 -11.93
CA PHE A 249 -7.25 -19.53 -12.69
C PHE A 249 -6.31 -20.75 -12.71
N GLN A 250 -6.80 -21.93 -12.33
CA GLN A 250 -5.96 -23.13 -12.20
C GLN A 250 -5.28 -23.53 -13.50
N ASN A 251 -5.83 -23.15 -14.65
CA ASN A 251 -5.27 -23.56 -15.93
C ASN A 251 -4.51 -22.45 -16.62
N LEU A 252 -4.29 -21.33 -15.95
CA LEU A 252 -3.41 -20.31 -16.50
C LEU A 252 -1.96 -20.73 -16.28
N THR A 253 -1.08 -20.29 -17.18
CA THR A 253 0.35 -20.48 -16.95
C THR A 253 0.80 -19.65 -15.74
N LYS A 254 2.01 -19.93 -15.25
CA LYS A 254 2.56 -19.17 -14.13
C LYS A 254 2.66 -17.70 -14.49
N LYS A 255 3.14 -17.39 -15.69
CA LYS A 255 3.32 -15.99 -16.07
C LYS A 255 1.98 -15.30 -16.33
N GLN A 256 0.97 -16.03 -16.78
CA GLN A 256 -0.35 -15.44 -16.91
C GLN A 256 -0.93 -15.10 -15.55
N ARG A 257 -0.82 -16.03 -14.60
CA ARG A 257 -1.25 -15.76 -13.22
C ARG A 257 -0.53 -14.56 -12.65
N GLN A 258 0.78 -14.48 -12.86
CA GLN A 258 1.57 -13.40 -12.29
C GLN A 258 1.18 -12.05 -12.89
N SER A 259 1.07 -11.99 -14.22
CA SER A 259 0.63 -10.79 -14.90
C SER A 259 -0.77 -10.37 -14.44
N LEU A 260 -1.70 -11.32 -14.38
CA LEU A 260 -3.08 -11.00 -14.00
C LEU A 260 -3.18 -10.49 -12.57
N ARG A 261 -2.48 -11.16 -11.65
CA ARG A 261 -2.49 -10.71 -10.27
C ARG A 261 -2.04 -9.26 -10.18
N LYS A 262 -0.90 -8.93 -10.81
CA LYS A 262 -0.42 -7.55 -10.81
C LYS A 262 -1.46 -6.58 -11.39
N MET A 263 -2.05 -6.93 -12.54
CA MET A 263 -2.99 -6.00 -13.18
C MET A 263 -4.23 -5.78 -12.34
N VAL A 264 -4.73 -6.85 -11.71
CA VAL A 264 -5.92 -6.74 -10.86
C VAL A 264 -5.64 -5.84 -9.65
N ILE A 265 -4.50 -6.09 -8.97
CA ILE A 265 -4.11 -5.24 -7.85
C ILE A 265 -4.02 -3.78 -8.28
N ASP A 266 -3.31 -3.51 -9.38
CA ASP A 266 -3.21 -2.17 -9.92
C ASP A 266 -4.59 -1.58 -10.17
N ILE A 267 -5.53 -2.38 -10.69
CA ILE A 267 -6.87 -1.86 -10.99
C ILE A 267 -7.64 -1.54 -9.72
N VAL A 268 -7.77 -2.49 -8.81
CA VAL A 268 -8.62 -2.27 -7.64
C VAL A 268 -8.03 -1.20 -6.72
N LEU A 269 -6.72 -1.17 -6.53
CA LEU A 269 -6.15 -0.12 -5.69
C LEU A 269 -6.47 1.27 -6.24
N ALA A 270 -6.62 1.39 -7.56
CA ALA A 270 -7.00 2.64 -8.20
C ALA A 270 -8.44 3.04 -7.94
N THR A 271 -9.30 2.17 -7.38
CA THR A 271 -10.66 2.60 -7.09
C THR A 271 -10.76 3.35 -5.77
N ASP A 272 -9.67 3.43 -5.00
CA ASP A 272 -9.58 4.28 -3.82
C ASP A 272 -10.00 5.71 -4.18
N MET A 273 -11.11 6.17 -3.59
CA MET A 273 -11.67 7.47 -3.93
C MET A 273 -10.70 8.61 -3.73
N SER A 274 -9.74 8.48 -2.81
CA SER A 274 -8.78 9.57 -2.65
C SER A 274 -7.77 9.66 -3.79
N LYS A 275 -7.80 8.75 -4.75
CA LYS A 275 -6.92 8.79 -5.93
C LYS A 275 -7.59 9.38 -7.16
N HIS A 276 -8.86 9.74 -7.03
CA HIS A 276 -9.64 10.15 -8.20
C HIS A 276 -9.00 11.34 -8.91
N MET A 277 -8.61 12.37 -8.16
CA MET A 277 -8.03 13.56 -8.77
C MET A 277 -6.79 13.20 -9.57
N ASN A 278 -5.87 12.44 -8.97
CA ASN A 278 -4.68 12.00 -9.69
C ASN A 278 -5.03 11.11 -10.87
N LEU A 279 -5.99 10.20 -10.69
CA LEU A 279 -6.39 9.35 -11.81
C LEU A 279 -6.93 10.18 -12.96
N LEU A 280 -7.77 11.17 -12.65
CA LEU A 280 -8.34 11.99 -13.71
C LEU A 280 -7.29 12.88 -14.36
N ALA A 281 -6.31 13.35 -13.60
CA ALA A 281 -5.26 14.17 -14.17
C ALA A 281 -4.46 13.38 -15.20
N ASP A 282 -4.18 12.11 -14.92
CA ASP A 282 -3.44 11.32 -15.90
C ASP A 282 -4.31 10.99 -17.10
N LEU A 283 -5.62 10.84 -16.88
CA LEU A 283 -6.53 10.56 -17.98
C LEU A 283 -6.62 11.76 -18.92
N LYS A 284 -6.77 12.96 -18.36
CA LYS A 284 -6.73 14.18 -19.16
C LYS A 284 -5.48 14.23 -20.02
N THR A 285 -4.32 14.03 -19.40
CA THR A 285 -3.05 14.08 -20.12
C THR A 285 -3.01 13.07 -21.28
N MET A 286 -3.49 11.86 -21.06
CA MET A 286 -3.58 10.90 -22.15
C MET A 286 -4.58 11.33 -23.21
N VAL A 287 -5.67 12.00 -22.81
CA VAL A 287 -6.59 12.53 -23.82
C VAL A 287 -5.91 13.63 -24.63
N GLU A 288 -5.15 14.50 -23.95
CA GLU A 288 -4.47 15.60 -24.64
C GLU A 288 -3.34 15.12 -25.54
N THR A 289 -2.85 13.89 -25.37
CA THR A 289 -1.78 13.38 -26.21
C THR A 289 -2.21 12.09 -26.88
N LYS A 290 -3.50 12.00 -27.19
CA LYS A 290 -4.10 10.79 -27.71
C LYS A 290 -3.48 10.40 -29.04
N LYS A 291 -3.34 9.09 -29.26
CA LYS A 291 -2.90 8.58 -30.54
C LYS A 291 -3.75 7.38 -30.92
N VAL A 292 -4.17 7.36 -32.18
CA VAL A 292 -4.99 6.29 -32.71
C VAL A 292 -4.19 5.57 -33.78
N THR A 293 -4.60 4.33 -34.07
CA THR A 293 -3.92 3.55 -35.08
C THR A 293 -4.63 3.73 -36.43
N SER A 294 -4.13 3.00 -37.44
CA SER A 294 -4.66 3.15 -38.78
C SER A 294 -6.11 2.71 -38.88
N SER A 295 -6.58 1.87 -37.94
CA SER A 295 -7.97 1.43 -37.90
C SER A 295 -8.84 2.37 -37.07
N GLY A 296 -8.35 3.55 -36.72
CA GLY A 296 -9.09 4.50 -35.92
C GLY A 296 -9.27 4.08 -34.48
N VAL A 297 -8.42 3.19 -33.97
CA VAL A 297 -8.58 2.56 -32.66
C VAL A 297 -7.44 3.03 -31.75
N LEU A 298 -7.75 3.15 -30.46
CA LEU A 298 -6.83 3.80 -29.52
C LEU A 298 -5.52 3.03 -29.38
N LEU A 299 -4.41 3.77 -29.35
CA LEU A 299 -3.06 3.20 -29.39
C LEU A 299 -2.40 3.31 -28.02
N LEU A 300 -1.97 2.17 -27.47
CA LEU A 300 -1.33 2.09 -26.17
C LEU A 300 -0.08 1.23 -26.28
N ASP A 301 1.11 1.88 -26.23
CA ASP A 301 2.42 1.26 -26.50
C ASP A 301 2.99 0.47 -25.33
N ASN A 302 2.45 0.64 -24.12
CA ASN A 302 3.20 0.27 -22.93
C ASN A 302 2.24 -0.05 -21.80
N TYR A 303 2.73 -0.84 -20.84
CA TYR A 303 1.90 -1.27 -19.73
C TYR A 303 1.32 -0.08 -18.96
N SER A 304 2.13 0.96 -18.75
CA SER A 304 1.69 2.12 -18.00
C SER A 304 0.43 2.74 -18.61
N ASP A 305 0.42 2.94 -19.93
CA ASP A 305 -0.77 3.51 -20.58
C ASP A 305 -1.93 2.51 -20.57
N ARG A 306 -1.61 1.24 -20.79
CA ARG A 306 -2.66 0.22 -20.83
C ARG A 306 -3.34 0.08 -19.47
N ILE A 307 -2.53 -0.01 -18.41
CA ILE A 307 -3.14 -0.28 -17.11
C ILE A 307 -3.89 0.95 -16.66
N GLN A 308 -3.43 2.13 -17.10
CA GLN A 308 -4.08 3.36 -16.69
C GLN A 308 -5.43 3.51 -17.35
N VAL A 309 -5.58 3.03 -18.59
CA VAL A 309 -6.90 3.09 -19.22
C VAL A 309 -7.86 2.13 -18.51
N LEU A 310 -7.39 0.93 -18.16
CA LEU A 310 -8.23 -0.02 -17.44
C LEU A 310 -8.56 0.47 -16.02
N GLN A 311 -7.64 1.17 -15.36
CA GLN A 311 -7.92 1.76 -14.06
C GLN A 311 -9.06 2.77 -14.14
N ASN A 312 -8.97 3.71 -15.09
CA ASN A 312 -10.05 4.67 -15.27
C ASN A 312 -11.34 4.00 -15.76
N MET A 313 -11.23 2.91 -16.50
CA MET A 313 -12.43 2.28 -17.00
C MET A 313 -13.28 1.73 -15.85
N VAL A 314 -12.62 1.06 -14.89
CA VAL A 314 -13.31 0.48 -13.74
C VAL A 314 -13.73 1.59 -12.76
N HIS A 315 -12.95 2.66 -12.67
CA HIS A 315 -13.33 3.81 -11.87
C HIS A 315 -14.57 4.50 -12.41
N CYS A 316 -14.64 4.69 -13.74
CA CYS A 316 -15.85 5.19 -14.39
C CYS A 316 -17.04 4.27 -14.13
N ALA A 317 -16.85 2.96 -14.31
CA ALA A 317 -17.93 2.00 -14.06
C ALA A 317 -18.38 2.06 -12.62
N ASP A 318 -17.45 2.35 -11.71
CA ASP A 318 -17.75 2.49 -10.30
C ASP A 318 -18.61 3.73 -10.04
N LEU A 319 -18.37 4.80 -10.80
CA LEU A 319 -19.08 6.08 -10.67
C LEU A 319 -20.06 6.28 -11.82
N SER A 320 -20.71 5.20 -12.27
CA SER A 320 -21.60 5.22 -13.43
C SER A 320 -23.08 5.32 -13.10
N ASN A 321 -23.48 5.18 -11.83
CA ASN A 321 -24.89 5.33 -11.47
C ASN A 321 -25.56 6.56 -12.08
N PRO A 322 -24.97 7.77 -12.04
CA PRO A 322 -25.67 8.92 -12.61
C PRO A 322 -25.69 8.94 -14.13
N THR A 323 -24.99 8.02 -14.79
CA THR A 323 -25.10 7.85 -16.23
C THR A 323 -26.19 6.86 -16.63
N LYS A 324 -26.92 6.31 -15.68
CA LYS A 324 -27.87 5.28 -16.06
C LYS A 324 -29.26 5.88 -16.15
N PRO A 325 -30.18 5.20 -16.84
CA PRO A 325 -31.59 5.61 -16.79
C PRO A 325 -32.05 5.93 -15.37
N LEU A 326 -32.84 7.00 -15.26
CA LEU A 326 -33.16 7.62 -13.97
C LEU A 326 -33.76 6.63 -12.96
N GLN A 327 -34.58 5.69 -13.43
CA GLN A 327 -35.20 4.78 -12.46
C GLN A 327 -34.14 3.90 -11.78
N LEU A 328 -33.01 3.66 -12.45
CA LEU A 328 -31.89 2.99 -11.81
C LEU A 328 -31.12 3.95 -10.92
N TYR A 329 -30.74 5.09 -11.48
CA TYR A 329 -29.97 6.08 -10.74
C TYR A 329 -30.64 6.41 -9.41
N ARG A 330 -31.96 6.58 -9.41
CA ARG A 330 -32.63 6.99 -8.17
C ARG A 330 -32.52 5.93 -7.08
N GLN A 331 -32.60 4.65 -7.43
CA GLN A 331 -32.42 3.63 -6.41
C GLN A 331 -31.00 3.60 -5.88
N TRP A 332 -30.01 3.94 -6.72
CA TRP A 332 -28.63 3.96 -6.21
C TRP A 332 -28.44 5.13 -5.25
N THR A 333 -29.07 6.27 -5.53
CA THR A 333 -29.05 7.39 -4.59
C THR A 333 -29.67 7.01 -3.26
N ASP A 334 -30.86 6.41 -3.30
CA ASP A 334 -31.54 5.94 -2.10
C ASP A 334 -30.63 5.04 -1.28
N ARG A 335 -29.88 4.15 -1.96
CA ARG A 335 -29.05 3.19 -1.25
C ARG A 335 -27.79 3.85 -0.70
N ILE A 336 -27.17 4.75 -1.44
CA ILE A 336 -25.95 5.37 -0.89
C ILE A 336 -26.32 6.27 0.29
N MET A 337 -27.46 6.95 0.24
CA MET A 337 -27.81 7.87 1.33
C MET A 337 -28.16 7.10 2.60
N GLU A 338 -28.80 5.94 2.48
CA GLU A 338 -28.99 5.10 3.65
C GLU A 338 -27.64 4.70 4.25
N GLU A 339 -26.70 4.22 3.42
CA GLU A 339 -25.38 3.90 3.95
C GLU A 339 -24.74 5.11 4.61
N PHE A 340 -24.72 6.24 3.91
CA PHE A 340 -24.09 7.45 4.44
C PHE A 340 -24.78 7.90 5.73
N PHE A 341 -26.12 7.84 5.77
CA PHE A 341 -26.82 8.25 6.97
C PHE A 341 -26.49 7.36 8.14
N ARG A 342 -26.39 6.04 7.89
CA ARG A 342 -26.04 5.12 8.95
C ARG A 342 -24.63 5.37 9.47
N GLN A 343 -23.68 5.66 8.58
CA GLN A 343 -22.35 6.03 9.04
C GLN A 343 -22.39 7.30 9.89
N GLY A 344 -23.24 8.26 9.49
CA GLY A 344 -23.32 9.50 10.24
C GLY A 344 -23.87 9.30 11.63
N ASP A 345 -24.83 8.38 11.79
CA ASP A 345 -25.39 8.10 13.11
C ASP A 345 -24.35 7.47 14.01
N ARG A 346 -23.41 6.70 13.44
CA ARG A 346 -22.33 6.15 14.24
C ARG A 346 -21.31 7.23 14.56
N GLU A 347 -21.00 8.08 13.59
CA GLU A 347 -20.11 9.21 13.84
C GLU A 347 -20.67 10.11 14.93
N ARG A 348 -21.98 10.38 14.86
CA ARG A 348 -22.62 11.28 15.83
C ARG A 348 -22.58 10.67 17.23
N GLU A 349 -22.94 9.39 17.33
CA GLU A 349 -22.96 8.73 18.63
C GLU A 349 -21.57 8.73 19.26
N ARG A 350 -20.52 8.61 18.46
CA ARG A 350 -19.17 8.58 18.99
C ARG A 350 -18.60 9.97 19.28
N GLY A 351 -19.40 11.02 19.15
CA GLY A 351 -18.91 12.36 19.41
C GLY A 351 -18.10 12.95 18.28
N MET A 352 -18.03 12.27 17.14
CA MET A 352 -17.22 12.72 16.03
C MET A 352 -17.97 13.76 15.20
N GLU A 353 -17.21 14.54 14.44
CA GLU A 353 -17.82 15.36 13.41
C GLU A 353 -18.39 14.44 12.33
N ILE A 354 -19.57 14.78 11.82
CA ILE A 354 -20.24 13.93 10.85
C ILE A 354 -19.64 14.19 9.48
N SER A 355 -19.48 13.13 8.71
CA SER A 355 -18.88 13.25 7.40
C SER A 355 -19.80 14.00 6.44
N PRO A 356 -19.24 14.57 5.38
CA PRO A 356 -20.07 15.10 4.28
C PRO A 356 -21.17 14.14 3.90
N MET A 357 -22.37 14.66 3.66
CA MET A 357 -23.55 13.93 3.22
C MET A 357 -24.02 12.86 4.22
N CYS A 358 -23.40 12.76 5.39
CA CYS A 358 -23.78 11.70 6.30
C CYS A 358 -24.73 12.15 7.41
N ASP A 359 -25.08 13.43 7.46
CA ASP A 359 -25.93 13.93 8.55
C ASP A 359 -27.39 13.94 8.10
N LYS A 360 -28.18 13.00 8.61
CA LYS A 360 -29.57 12.93 8.16
C LYS A 360 -30.38 14.15 8.58
N HIS A 361 -29.93 14.90 9.60
CA HIS A 361 -30.65 16.08 10.04
C HIS A 361 -30.31 17.34 9.27
N ASN A 362 -29.27 17.31 8.45
CA ASN A 362 -28.86 18.47 7.67
C ASN A 362 -28.46 18.03 6.27
N ALA A 363 -29.25 17.16 5.68
CA ALA A 363 -28.97 16.62 4.36
C ALA A 363 -29.64 17.44 3.28
N SER A 364 -29.13 17.29 2.06
CA SER A 364 -29.70 17.93 0.86
C SER A 364 -29.36 16.98 -0.29
N VAL A 365 -30.13 15.90 -0.38
CA VAL A 365 -29.80 14.79 -1.26
C VAL A 365 -29.67 15.27 -2.71
N GLU A 366 -30.62 16.11 -3.15
CA GLU A 366 -30.65 16.52 -4.55
C GLU A 366 -29.45 17.42 -4.88
N LYS A 367 -29.20 18.45 -4.04
CA LYS A 367 -28.08 19.36 -4.27
C LYS A 367 -26.74 18.63 -4.19
N SER A 368 -26.68 17.56 -3.41
CA SER A 368 -25.44 16.80 -3.31
C SER A 368 -25.21 15.99 -4.57
N GLN A 369 -26.25 15.34 -5.09
CA GLN A 369 -26.12 14.64 -6.36
C GLN A 369 -25.65 15.58 -7.46
N VAL A 370 -26.27 16.77 -7.53
CA VAL A 370 -25.89 17.78 -8.51
C VAL A 370 -24.45 18.21 -8.31
N GLY A 371 -24.11 18.53 -7.06
CA GLY A 371 -22.73 18.85 -6.75
C GLY A 371 -21.79 17.71 -7.10
N PHE A 372 -22.14 16.48 -6.70
CA PHE A 372 -21.26 15.35 -6.97
C PHE A 372 -21.07 15.13 -8.46
N ILE A 373 -22.11 15.40 -9.26
CA ILE A 373 -21.97 15.26 -10.71
C ILE A 373 -21.11 16.38 -11.27
N ASP A 374 -21.35 17.63 -10.84
CA ASP A 374 -20.64 18.75 -11.43
C ASP A 374 -19.14 18.66 -11.14
N TYR A 375 -18.76 18.22 -9.96
CA TYR A 375 -17.36 18.27 -9.55
C TYR A 375 -16.61 16.96 -9.73
N ILE A 376 -17.30 15.82 -9.82
CA ILE A 376 -16.63 14.53 -9.81
C ILE A 376 -17.01 13.70 -11.03
N VAL A 377 -18.32 13.38 -11.15
CA VAL A 377 -18.76 12.37 -12.10
C VAL A 377 -18.72 12.90 -13.54
N HIS A 378 -19.23 14.12 -13.75
CA HIS A 378 -19.20 14.64 -15.12
C HIS A 378 -17.77 14.98 -15.55
N PRO A 379 -16.94 15.65 -14.76
CA PRO A 379 -15.56 15.86 -15.20
C PRO A 379 -14.87 14.56 -15.57
N LEU A 380 -15.15 13.48 -14.83
CA LEU A 380 -14.58 12.18 -15.14
C LEU A 380 -15.13 11.63 -16.44
N TRP A 381 -16.46 11.56 -16.55
CA TRP A 381 -17.06 10.91 -17.72
C TRP A 381 -16.88 11.74 -18.97
N GLU A 382 -16.83 13.07 -18.83
CA GLU A 382 -16.50 13.92 -19.98
C GLU A 382 -15.12 13.58 -20.51
N THR A 383 -14.15 13.38 -19.62
CA THR A 383 -12.81 13.02 -20.08
C THR A 383 -12.79 11.63 -20.71
N TRP A 384 -13.46 10.65 -20.09
CA TRP A 384 -13.53 9.34 -20.73
C TRP A 384 -14.19 9.44 -22.09
N ALA A 385 -15.31 10.18 -22.17
CA ALA A 385 -15.98 10.37 -23.45
C ALA A 385 -15.04 10.95 -24.50
N ASP A 386 -14.13 11.85 -24.12
CA ASP A 386 -13.16 12.37 -25.07
C ASP A 386 -12.19 11.28 -25.55
N LEU A 387 -11.76 10.40 -24.63
CA LEU A 387 -10.83 9.33 -24.99
C LEU A 387 -11.42 8.41 -26.06
N VAL A 388 -12.70 8.10 -25.98
CA VAL A 388 -13.32 7.14 -26.88
C VAL A 388 -14.32 7.82 -27.82
N HIS A 389 -14.20 9.14 -28.00
CA HIS A 389 -15.14 9.92 -28.82
C HIS A 389 -15.34 9.31 -30.19
N PRO A 390 -16.60 9.16 -30.63
CA PRO A 390 -17.86 9.60 -30.00
C PRO A 390 -18.62 8.48 -29.30
N ASP A 391 -17.97 7.34 -29.07
CA ASP A 391 -18.64 6.14 -28.56
C ASP A 391 -19.50 6.38 -27.34
N ALA A 392 -19.11 7.32 -26.48
CA ALA A 392 -19.75 7.47 -25.18
C ALA A 392 -20.76 8.61 -25.14
N GLN A 393 -21.19 9.08 -26.31
CA GLN A 393 -22.02 10.29 -26.36
C GLN A 393 -23.37 10.08 -25.68
N ASP A 394 -24.01 8.93 -25.90
CA ASP A 394 -25.31 8.68 -25.30
C ASP A 394 -25.20 8.56 -23.78
N ILE A 395 -24.13 7.92 -23.30
CA ILE A 395 -23.94 7.81 -21.86
C ILE A 395 -23.78 9.19 -21.24
N LEU A 396 -23.01 10.06 -21.88
CA LEU A 396 -22.80 11.40 -21.35
C LEU A 396 -24.08 12.22 -21.41
N ASP A 397 -24.90 12.02 -22.45
CA ASP A 397 -26.18 12.74 -22.56
C ASP A 397 -27.13 12.33 -21.44
N THR A 398 -27.19 11.05 -21.12
CA THR A 398 -28.01 10.61 -19.99
C THR A 398 -27.53 11.28 -18.71
N LEU A 399 -26.22 11.24 -18.48
CA LEU A 399 -25.66 11.91 -17.31
C LEU A 399 -26.12 13.36 -17.22
N GLU A 400 -26.13 14.06 -18.35
CA GLU A 400 -26.47 15.48 -18.37
C GLU A 400 -27.95 15.69 -18.12
N ASP A 401 -28.80 14.83 -18.71
CA ASP A 401 -30.23 14.85 -18.44
C ASP A 401 -30.53 14.58 -16.96
N ASN A 402 -29.84 13.59 -16.37
CA ASN A 402 -30.13 13.24 -14.98
C ASN A 402 -29.68 14.35 -14.04
N ARG A 403 -28.55 14.97 -14.35
CA ARG A 403 -28.13 16.17 -13.62
C ARG A 403 -29.19 17.28 -13.74
N GLU A 404 -29.67 17.52 -14.95
CA GLU A 404 -30.75 18.48 -15.14
C GLU A 404 -31.98 18.10 -14.31
N TRP A 405 -32.34 16.82 -14.32
CA TRP A 405 -33.53 16.41 -13.57
C TRP A 405 -33.36 16.67 -12.07
N TYR A 406 -32.25 16.21 -11.48
CA TYR A 406 -32.05 16.46 -10.06
C TYR A 406 -31.99 17.95 -9.77
N GLN A 407 -31.36 18.72 -10.66
CA GLN A 407 -31.33 20.17 -10.50
C GLN A 407 -32.74 20.74 -10.41
N SER A 408 -33.62 20.31 -11.31
CA SER A 408 -34.98 20.84 -11.36
C SER A 408 -35.79 20.55 -10.10
N THR A 409 -35.32 19.71 -9.20
CA THR A 409 -36.12 19.40 -8.03
C THR A 409 -35.84 20.32 -6.85
N ILE A 410 -34.64 20.91 -6.80
CA ILE A 410 -34.31 21.89 -5.76
C ILE A 410 -35.26 23.07 -5.87
N GLU B 89 26.14 -5.34 34.90
CA GLU B 89 25.24 -4.20 34.84
C GLU B 89 26.01 -2.92 34.99
N ASP B 90 27.13 -3.03 35.69
CA ASP B 90 28.00 -1.86 35.84
C ASP B 90 28.72 -1.55 34.52
N VAL B 91 29.30 -2.56 33.87
CA VAL B 91 30.02 -2.32 32.62
C VAL B 91 29.05 -2.01 31.48
N LEU B 92 27.86 -2.61 31.52
CA LEU B 92 26.81 -2.25 30.57
C LEU B 92 26.59 -0.75 30.53
N ALA B 93 26.59 -0.11 31.70
CA ALA B 93 26.40 1.34 31.75
C ALA B 93 27.55 2.08 31.08
N LYS B 94 28.79 1.61 31.29
CA LYS B 94 29.94 2.30 30.70
C LYS B 94 29.86 2.30 29.18
N GLU B 95 29.44 1.18 28.58
CA GLU B 95 29.28 1.12 27.14
C GLU B 95 28.12 2.01 26.69
N LEU B 96 27.04 2.08 27.50
CA LEU B 96 25.91 2.93 27.14
C LEU B 96 26.27 4.43 27.12
N GLU B 97 27.37 4.82 27.78
CA GLU B 97 27.83 6.19 27.70
C GLU B 97 28.26 6.58 26.29
N ASP B 98 28.48 5.61 25.41
CA ASP B 98 28.83 5.88 24.02
C ASP B 98 27.62 6.02 23.09
N VAL B 99 26.41 6.16 23.64
CA VAL B 99 25.20 6.12 22.82
C VAL B 99 25.15 7.25 21.81
N ASN B 100 25.89 8.34 22.03
CA ASN B 100 25.92 9.42 21.05
C ASN B 100 26.99 9.23 19.98
N LYS B 101 27.68 8.08 19.97
CA LYS B 101 28.83 7.90 19.09
C LYS B 101 28.53 6.89 17.98
N TRP B 102 28.94 7.24 16.77
CA TRP B 102 28.97 6.29 15.67
C TRP B 102 29.88 5.13 16.03
N GLY B 103 29.40 3.90 15.82
CA GLY B 103 30.20 2.74 16.12
C GLY B 103 30.10 2.28 17.55
N LEU B 104 28.93 2.43 18.17
CA LEU B 104 28.67 1.83 19.46
C LEU B 104 28.89 0.33 19.39
N HIS B 105 29.35 -0.24 20.51
CA HIS B 105 29.54 -1.69 20.67
C HIS B 105 28.19 -2.36 20.92
N VAL B 106 27.39 -2.46 19.85
CA VAL B 106 26.02 -2.93 19.99
C VAL B 106 25.96 -4.41 20.34
N PHE B 107 26.90 -5.21 19.84
CA PHE B 107 26.85 -6.65 20.12
C PHE B 107 27.18 -6.94 21.58
N ARG B 108 28.16 -6.24 22.15
CA ARG B 108 28.49 -6.46 23.56
C ARG B 108 27.36 -5.98 24.46
N ILE B 109 26.78 -4.83 24.13
CA ILE B 109 25.56 -4.40 24.81
C ILE B 109 24.48 -5.47 24.72
N ALA B 110 24.39 -6.18 23.59
CA ALA B 110 23.42 -7.26 23.49
C ALA B 110 23.78 -8.42 24.43
N GLU B 111 25.06 -8.77 24.52
CA GLU B 111 25.48 -9.79 25.48
C GLU B 111 25.27 -9.30 26.92
N LEU B 112 25.70 -8.07 27.20
CA LEU B 112 25.65 -7.59 28.58
C LEU B 112 24.23 -7.35 29.05
N SER B 113 23.28 -7.09 28.15
CA SER B 113 21.92 -6.78 28.56
C SER B 113 21.00 -7.99 28.53
N GLY B 114 21.54 -9.21 28.41
CA GLY B 114 20.68 -10.37 28.40
C GLY B 114 19.86 -10.50 27.14
N ASN B 115 20.43 -10.10 25.99
CA ASN B 115 19.74 -10.01 24.72
C ASN B 115 18.58 -9.02 24.78
N ARG B 116 18.87 -7.84 25.32
CA ARG B 116 17.90 -6.74 25.32
C ARG B 116 18.54 -5.45 24.83
N PRO B 117 19.28 -5.50 23.72
CA PRO B 117 19.90 -4.26 23.24
C PRO B 117 18.87 -3.23 22.81
N LEU B 118 17.73 -3.65 22.25
CA LEU B 118 16.74 -2.66 21.82
C LEU B 118 16.13 -1.96 23.04
N THR B 119 15.80 -2.72 24.07
CA THR B 119 15.20 -2.09 25.25
C THR B 119 16.15 -1.08 25.90
N VAL B 120 17.41 -1.48 26.11
CA VAL B 120 18.30 -0.61 26.88
C VAL B 120 18.77 0.57 26.05
N ILE B 121 18.84 0.41 24.73
CA ILE B 121 19.30 1.51 23.91
C ILE B 121 18.18 2.52 23.69
N MET B 122 16.95 2.05 23.50
CA MET B 122 15.82 2.97 23.39
C MET B 122 15.63 3.73 24.69
N HIS B 123 15.74 3.05 25.83
CA HIS B 123 15.66 3.72 27.11
C HIS B 123 16.70 4.81 27.23
N THR B 124 17.97 4.45 27.07
CA THR B 124 19.05 5.42 27.08
C THR B 124 18.75 6.59 26.16
N ILE B 125 18.36 6.31 24.91
CA ILE B 125 18.14 7.40 23.97
C ILE B 125 16.94 8.24 24.38
N PHE B 126 15.93 7.65 25.02
CA PHE B 126 14.79 8.46 25.42
C PHE B 126 15.13 9.40 26.55
N GLN B 127 16.11 9.05 27.38
CA GLN B 127 16.57 10.00 28.39
C GLN B 127 17.49 11.06 27.79
N GLU B 128 18.41 10.63 26.94
CA GLU B 128 19.36 11.57 26.34
C GLU B 128 18.65 12.70 25.61
N ARG B 129 17.52 12.41 24.97
CA ARG B 129 16.76 13.42 24.24
C ARG B 129 15.59 13.99 25.04
N ASP B 130 15.49 13.64 26.33
CA ASP B 130 14.46 14.14 27.23
C ASP B 130 13.07 13.89 26.65
N LEU B 131 12.91 12.74 25.99
CA LEU B 131 11.62 12.40 25.41
C LEU B 131 10.63 11.94 26.46
N LEU B 132 11.09 11.27 27.52
CA LEU B 132 10.14 10.59 28.41
C LEU B 132 9.04 11.54 28.87
N LYS B 133 9.40 12.72 29.39
CA LYS B 133 8.35 13.63 29.83
C LYS B 133 8.34 14.95 29.05
N THR B 134 9.04 15.03 27.91
CA THR B 134 8.54 15.94 26.88
C THR B 134 7.16 15.48 26.42
N PHE B 135 6.92 14.17 26.44
CA PHE B 135 5.67 13.57 26.04
C PHE B 135 5.00 12.81 27.17
N LYS B 136 5.45 13.02 28.41
CA LYS B 136 4.85 12.43 29.60
C LYS B 136 4.71 10.92 29.47
N ILE B 137 5.82 10.27 29.13
CA ILE B 137 5.85 8.82 28.93
C ILE B 137 6.24 8.18 30.25
N PRO B 138 5.33 7.45 30.90
CA PRO B 138 5.69 6.76 32.14
C PRO B 138 6.73 5.67 31.90
N VAL B 139 7.79 5.72 32.71
CA VAL B 139 8.98 4.89 32.47
C VAL B 139 8.61 3.42 32.29
N ASP B 140 7.73 2.91 33.14
CA ASP B 140 7.39 1.49 33.14
C ASP B 140 6.53 1.11 31.95
N THR B 141 5.84 2.06 31.32
CA THR B 141 5.12 1.75 30.09
C THR B 141 6.07 1.73 28.90
N LEU B 142 7.04 2.64 28.88
CA LEU B 142 8.14 2.55 27.92
C LEU B 142 8.81 1.18 27.98
N ILE B 143 9.09 0.69 29.18
CA ILE B 143 9.84 -0.56 29.34
C ILE B 143 8.97 -1.75 28.95
N THR B 144 7.70 -1.73 29.35
CA THR B 144 6.79 -2.82 29.02
C THR B 144 6.64 -2.97 27.50
N TYR B 145 6.46 -1.86 26.80
CA TYR B 145 6.33 -1.91 25.35
C TYR B 145 7.64 -2.26 24.68
N LEU B 146 8.75 -1.68 25.16
CA LEU B 146 10.05 -1.98 24.56
C LEU B 146 10.38 -3.46 24.67
N MET B 147 9.93 -4.10 25.75
CA MET B 147 10.21 -5.52 25.97
C MET B 147 9.30 -6.41 25.11
N THR B 148 8.01 -6.10 25.08
CA THR B 148 7.10 -6.81 24.18
C THR B 148 7.53 -6.67 22.73
N LEU B 149 7.91 -5.45 22.32
CA LEU B 149 8.46 -5.20 20.99
C LEU B 149 9.69 -6.05 20.73
N GLU B 150 10.69 -5.98 21.63
CA GLU B 150 11.89 -6.80 21.48
C GLU B 150 11.53 -8.27 21.31
N ASP B 151 10.59 -8.76 22.14
CA ASP B 151 10.13 -10.14 22.07
C ASP B 151 9.62 -10.53 20.69
N HIS B 152 9.13 -9.57 19.90
CA HIS B 152 8.56 -9.89 18.60
C HIS B 152 9.57 -9.85 17.47
N TYR B 153 10.83 -9.50 17.74
CA TYR B 153 11.90 -9.85 16.82
C TYR B 153 12.30 -11.30 17.06
N HIS B 154 12.71 -12.00 16.00
CA HIS B 154 12.96 -13.43 16.10
C HIS B 154 14.42 -13.67 16.50
N ALA B 155 14.61 -14.50 17.52
CA ALA B 155 15.95 -14.85 17.99
C ALA B 155 16.67 -15.82 17.06
N ASP B 156 15.94 -16.56 16.22
CA ASP B 156 16.56 -17.47 15.26
C ASP B 156 16.76 -16.85 13.87
N VAL B 157 16.72 -15.53 13.77
CA VAL B 157 16.96 -14.80 12.53
C VAL B 157 18.26 -14.03 12.72
N ALA B 158 19.26 -14.28 11.86
CA ALA B 158 20.62 -13.83 12.17
C ALA B 158 20.85 -12.34 11.95
N TYR B 159 20.17 -11.74 10.97
CA TYR B 159 20.36 -10.32 10.71
C TYR B 159 19.19 -9.48 11.23
N HIS B 160 17.98 -9.68 10.67
CA HIS B 160 16.84 -8.80 10.94
C HIS B 160 16.21 -9.15 12.29
N ASN B 161 16.96 -8.87 13.35
CA ASN B 161 16.55 -9.18 14.71
C ASN B 161 16.63 -7.92 15.58
N ASN B 162 16.49 -8.09 16.88
CA ASN B 162 16.48 -6.97 17.82
C ASN B 162 17.84 -6.26 17.92
N ILE B 163 18.94 -6.90 17.56
CA ILE B 163 20.22 -6.18 17.53
C ILE B 163 20.24 -5.20 16.36
N HIS B 164 19.78 -5.66 15.19
CA HIS B 164 19.68 -4.76 14.05
C HIS B 164 18.76 -3.58 14.35
N ALA B 165 17.61 -3.84 14.97
CA ALA B 165 16.72 -2.75 15.36
C ALA B 165 17.45 -1.77 16.27
N ALA B 166 18.07 -2.30 17.34
CA ALA B 166 18.79 -1.45 18.29
C ALA B 166 19.86 -0.63 17.58
N ASP B 167 20.52 -1.22 16.58
CA ASP B 167 21.57 -0.55 15.84
C ASP B 167 21.00 0.55 14.93
N VAL B 168 19.82 0.33 14.35
CA VAL B 168 19.26 1.36 13.47
C VAL B 168 18.72 2.52 14.29
N VAL B 169 18.08 2.20 15.41
CA VAL B 169 17.67 3.20 16.40
C VAL B 169 18.84 4.10 16.78
N GLN B 170 19.95 3.49 17.24
CA GLN B 170 21.06 4.28 17.73
C GLN B 170 21.71 5.08 16.62
N SER B 171 21.71 4.54 15.40
CA SER B 171 22.34 5.21 14.27
C SER B 171 21.50 6.36 13.78
N THR B 172 20.18 6.15 13.64
CA THR B 172 19.27 7.26 13.38
C THR B 172 19.44 8.35 14.43
N HIS B 173 19.46 7.95 15.69
CA HIS B 173 19.62 8.87 16.80
C HIS B 173 20.84 9.77 16.63
N VAL B 174 21.93 9.25 16.07
CA VAL B 174 23.12 10.07 15.87
C VAL B 174 22.96 10.96 14.65
N LEU B 175 22.37 10.41 13.59
CA LEU B 175 22.12 11.20 12.40
C LEU B 175 21.18 12.37 12.66
N LEU B 176 20.33 12.29 13.69
CA LEU B 176 19.47 13.41 14.04
C LEU B 176 20.26 14.54 14.68
N SER B 177 21.50 14.28 15.10
CA SER B 177 22.35 15.24 15.77
C SER B 177 23.37 15.87 14.85
N THR B 178 23.39 15.50 13.58
CA THR B 178 24.41 16.04 12.72
C THR B 178 24.25 17.56 12.62
N PRO B 179 25.36 18.32 12.63
CA PRO B 179 25.25 19.79 12.74
C PRO B 179 24.29 20.44 11.76
N ALA B 180 24.40 20.14 10.46
CA ALA B 180 23.65 20.85 9.42
C ALA B 180 22.14 20.67 9.55
N LEU B 181 21.71 19.95 10.60
CA LEU B 181 20.29 19.73 10.86
C LEU B 181 19.92 20.09 12.28
N GLU B 182 20.69 20.95 12.94
CA GLU B 182 20.47 21.24 14.36
C GLU B 182 19.02 21.68 14.59
N ALA B 183 18.37 21.03 15.56
CA ALA B 183 16.95 21.19 15.91
C ALA B 183 16.06 21.50 14.70
N VAL B 184 16.42 21.01 13.51
CA VAL B 184 15.61 21.29 12.33
C VAL B 184 14.29 20.55 12.38
N PHE B 185 14.26 19.44 13.11
CA PHE B 185 13.09 18.62 13.29
C PHE B 185 12.47 18.93 14.64
N THR B 186 11.15 19.10 14.65
CA THR B 186 10.38 19.20 15.89
C THR B 186 10.59 17.95 16.74
N ASP B 187 10.23 18.06 18.02
CA ASP B 187 10.36 16.92 18.91
C ASP B 187 9.50 15.73 18.47
N LEU B 188 8.30 16.01 17.96
CA LEU B 188 7.44 14.91 17.53
C LEU B 188 7.99 14.26 16.26
N GLU B 189 8.65 15.04 15.40
CA GLU B 189 9.32 14.48 14.25
C GLU B 189 10.51 13.64 14.68
N ILE B 190 11.19 14.06 15.74
CA ILE B 190 12.29 13.29 16.30
C ILE B 190 11.76 12.00 16.92
N LEU B 191 10.70 12.11 17.72
CA LEU B 191 10.10 10.92 18.32
C LEU B 191 9.63 9.94 17.24
N ALA B 192 9.15 10.45 16.12
CA ALA B 192 8.69 9.58 15.04
C ALA B 192 9.83 8.76 14.46
N ALA B 193 10.93 9.44 14.08
CA ALA B 193 12.06 8.75 13.46
C ALA B 193 12.64 7.69 14.38
N ILE B 194 12.66 7.97 15.69
CA ILE B 194 13.23 7.01 16.64
C ILE B 194 12.31 5.82 16.86
N PHE B 195 11.00 6.08 17.00
CA PHE B 195 10.04 4.99 17.14
C PHE B 195 9.97 4.17 15.87
N ALA B 196 9.97 4.85 14.72
CA ALA B 196 9.99 4.17 13.43
C ALA B 196 11.18 3.23 13.31
N SER B 197 12.38 3.70 13.69
CA SER B 197 13.56 2.83 13.65
C SER B 197 13.39 1.60 14.54
N ALA B 198 12.80 1.78 15.72
CA ALA B 198 12.70 0.66 16.65
C ALA B 198 11.80 -0.44 16.10
N ILE B 199 10.68 -0.07 15.49
CA ILE B 199 9.72 -1.07 14.99
C ILE B 199 10.00 -1.49 13.56
N HIS B 200 11.03 -0.95 12.90
CA HIS B 200 11.07 -0.93 11.44
C HIS B 200 11.23 -2.31 10.81
N ASP B 201 11.72 -3.31 11.56
CA ASP B 201 11.80 -4.68 11.05
C ASP B 201 11.13 -5.68 11.99
N VAL B 202 10.18 -5.25 12.83
CA VAL B 202 9.70 -6.16 13.87
C VAL B 202 8.97 -7.36 13.24
N ASP B 203 9.23 -8.56 13.78
CA ASP B 203 8.59 -9.81 13.32
C ASP B 203 9.08 -10.20 11.93
N HIS B 204 10.30 -9.81 11.58
CA HIS B 204 10.85 -10.13 10.29
C HIS B 204 11.09 -11.64 10.24
N PRO B 205 10.61 -12.32 9.20
CA PRO B 205 10.81 -13.78 9.11
C PRO B 205 12.16 -14.20 8.56
N GLY B 206 13.03 -13.26 8.18
CA GLY B 206 14.32 -13.64 7.64
C GLY B 206 14.36 -13.95 6.15
N VAL B 207 13.32 -13.59 5.39
CA VAL B 207 13.28 -13.77 3.94
C VAL B 207 12.80 -12.47 3.31
N SER B 208 13.12 -12.30 2.03
CA SER B 208 12.87 -11.03 1.38
C SER B 208 11.41 -10.92 0.94
N ASN B 209 11.01 -9.68 0.61
CA ASN B 209 9.72 -9.44 -0.02
C ASN B 209 9.52 -10.32 -1.24
N GLN B 210 10.54 -10.38 -2.11
CA GLN B 210 10.44 -11.18 -3.32
C GLN B 210 10.14 -12.65 -2.99
N PHE B 211 10.79 -13.18 -1.95
CA PHE B 211 10.54 -14.55 -1.53
C PHE B 211 9.11 -14.72 -1.02
N LEU B 212 8.64 -13.77 -0.21
CA LEU B 212 7.26 -13.83 0.27
C LEU B 212 6.28 -13.78 -0.89
N ILE B 213 6.59 -13.01 -1.94
CA ILE B 213 5.68 -12.84 -3.06
C ILE B 213 5.69 -14.06 -3.97
N ASN B 214 6.89 -14.48 -4.40
CA ASN B 214 7.03 -15.62 -5.28
C ASN B 214 6.64 -16.94 -4.62
N THR B 215 6.46 -16.97 -3.31
CA THR B 215 6.00 -18.19 -2.66
C THR B 215 4.52 -18.14 -2.31
N ASN B 216 3.81 -17.07 -2.70
CA ASN B 216 2.38 -16.91 -2.40
C ASN B 216 2.13 -17.08 -0.90
N SER B 217 2.92 -16.37 -0.10
CA SER B 217 2.76 -16.39 1.35
C SER B 217 1.49 -15.68 1.77
N GLU B 218 1.08 -15.93 3.01
CA GLU B 218 -0.07 -15.23 3.57
C GLU B 218 0.22 -13.73 3.67
N LEU B 219 1.44 -13.36 4.04
CA LEU B 219 1.80 -11.94 4.12
C LEU B 219 1.60 -11.24 2.78
N ALA B 220 2.16 -11.81 1.71
CA ALA B 220 1.99 -11.19 0.40
C ALA B 220 0.52 -11.19 -0.03
N LEU B 221 -0.22 -12.24 0.32
CA LEU B 221 -1.66 -12.28 0.07
C LEU B 221 -2.38 -11.12 0.78
N MET B 222 -2.06 -10.92 2.07
CA MET B 222 -2.64 -9.81 2.84
C MET B 222 -2.27 -8.45 2.24
N TYR B 223 -1.03 -8.28 1.80
CA TYR B 223 -0.58 -6.95 1.44
C TYR B 223 -0.42 -6.74 -0.06
N ASN B 224 -0.95 -7.64 -0.90
CA ASN B 224 -1.00 -7.45 -2.36
C ASN B 224 0.37 -7.13 -2.95
N ASP B 225 1.39 -7.88 -2.52
CA ASP B 225 2.75 -7.81 -3.07
C ASP B 225 3.38 -6.43 -2.92
N SER B 226 2.78 -5.51 -2.17
CA SER B 226 3.26 -4.13 -2.11
C SER B 226 3.81 -3.86 -0.71
N SER B 227 5.14 -3.66 -0.63
CA SER B 227 5.83 -3.37 0.62
C SER B 227 5.38 -4.32 1.71
N VAL B 228 5.46 -5.62 1.39
CA VAL B 228 4.79 -6.65 2.20
C VAL B 228 5.34 -6.66 3.63
N LEU B 229 6.67 -6.69 3.78
CA LEU B 229 7.25 -6.75 5.11
C LEU B 229 7.03 -5.46 5.87
N GLU B 230 7.16 -4.34 5.17
CA GLU B 230 7.14 -3.03 5.82
C GLU B 230 5.74 -2.68 6.31
N ASN B 231 4.71 -3.00 5.53
CA ASN B 231 3.35 -2.89 6.05
C ASN B 231 3.19 -3.70 7.32
N HIS B 232 3.80 -4.90 7.36
CA HIS B 232 3.64 -5.80 8.50
C HIS B 232 4.41 -5.32 9.72
N HIS B 233 5.66 -4.89 9.53
CA HIS B 233 6.40 -4.31 10.65
C HIS B 233 5.59 -3.20 11.33
N LEU B 234 4.99 -2.29 10.53
CA LEU B 234 4.20 -1.20 11.08
C LEU B 234 3.03 -1.74 11.89
N ALA B 235 2.25 -2.66 11.30
CA ALA B 235 1.03 -3.15 11.93
C ALA B 235 1.34 -3.84 13.26
N VAL B 236 2.41 -4.64 13.29
CA VAL B 236 2.80 -5.23 14.56
C VAL B 236 3.30 -4.16 15.51
N GLY B 237 4.09 -3.22 15.00
CA GLY B 237 4.58 -2.13 15.84
C GLY B 237 3.48 -1.38 16.55
N PHE B 238 2.45 -0.95 15.82
CA PHE B 238 1.35 -0.21 16.43
C PHE B 238 0.46 -1.11 17.27
N LYS B 239 0.20 -2.34 16.80
CA LYS B 239 -0.72 -3.24 17.51
C LYS B 239 -0.25 -3.51 18.93
N LEU B 240 1.05 -3.72 19.12
CA LEU B 240 1.58 -3.98 20.44
C LEU B 240 1.37 -2.80 21.39
N LEU B 241 1.13 -1.60 20.87
CA LEU B 241 0.77 -0.49 21.75
C LEU B 241 -0.50 -0.75 22.53
N GLN B 242 -1.35 -1.65 22.06
CA GLN B 242 -2.62 -1.93 22.70
C GLN B 242 -2.51 -2.98 23.78
N GLU B 243 -1.33 -3.53 24.00
CA GLU B 243 -1.18 -4.52 25.05
C GLU B 243 -1.23 -3.85 26.41
N GLU B 244 -1.53 -4.66 27.43
CA GLU B 244 -1.51 -4.26 28.84
C GLU B 244 -0.32 -3.35 29.17
N ASN B 245 -0.62 -2.08 29.50
CA ASN B 245 0.38 -1.10 29.94
C ASN B 245 1.49 -0.92 28.90
N CYS B 246 1.13 -0.84 27.63
CA CYS B 246 2.12 -0.70 26.58
C CYS B 246 2.01 0.57 25.76
N ASP B 247 1.02 1.43 26.01
CA ASP B 247 0.77 2.56 25.14
C ASP B 247 1.62 3.74 25.60
N ILE B 248 2.83 3.82 25.06
CA ILE B 248 3.73 4.90 25.43
C ILE B 248 3.32 6.25 24.88
N PHE B 249 2.31 6.29 24.00
CA PHE B 249 1.81 7.54 23.46
C PHE B 249 0.49 7.97 24.12
N GLN B 250 0.17 7.39 25.28
CA GLN B 250 -1.13 7.61 25.90
C GLN B 250 -1.35 9.06 26.31
N ASN B 251 -0.28 9.82 26.55
CA ASN B 251 -0.40 11.20 26.97
C ASN B 251 -0.10 12.19 25.85
N LEU B 252 0.00 11.73 24.61
CA LEU B 252 0.01 12.65 23.49
C LEU B 252 -1.41 13.13 23.21
N THR B 253 -1.52 14.37 22.73
CA THR B 253 -2.81 14.82 22.22
C THR B 253 -3.22 14.02 21.00
N LYS B 254 -4.51 14.01 20.72
CA LYS B 254 -4.99 13.21 19.59
C LYS B 254 -4.43 13.71 18.26
N LYS B 255 -4.15 15.00 18.15
CA LYS B 255 -3.52 15.48 16.93
C LYS B 255 -2.07 15.03 16.86
N GLN B 256 -1.37 15.05 18.01
CA GLN B 256 -0.01 14.55 18.05
C GLN B 256 0.02 13.07 17.70
N ARG B 257 -0.86 12.28 18.31
CA ARG B 257 -0.96 10.88 17.96
C ARG B 257 -1.19 10.70 16.47
N GLN B 258 -2.15 11.44 15.90
CA GLN B 258 -2.46 11.27 14.48
C GLN B 258 -1.29 11.68 13.61
N SER B 259 -0.54 12.70 14.04
CA SER B 259 0.60 13.16 13.27
C SER B 259 1.77 12.19 13.39
N LEU B 260 1.93 11.60 14.57
CA LEU B 260 3.00 10.63 14.79
C LEU B 260 2.77 9.37 13.98
N ARG B 261 1.56 8.82 14.05
CA ARG B 261 1.22 7.64 13.27
C ARG B 261 1.55 7.85 11.80
N LYS B 262 1.12 8.99 11.24
CA LYS B 262 1.32 9.26 9.82
C LYS B 262 2.81 9.32 9.47
N MET B 263 3.61 10.00 10.30
CA MET B 263 5.02 10.13 10.02
C MET B 263 5.73 8.77 10.13
N VAL B 264 5.41 7.99 11.17
CA VAL B 264 6.02 6.67 11.35
C VAL B 264 5.73 5.79 10.15
N ILE B 265 4.49 5.83 9.64
CA ILE B 265 4.11 5.04 8.47
C ILE B 265 4.91 5.48 7.26
N ASP B 266 4.95 6.80 7.00
CA ASP B 266 5.71 7.29 5.85
C ASP B 266 7.19 6.88 5.95
N ILE B 267 7.74 6.86 7.16
CA ILE B 267 9.14 6.49 7.32
C ILE B 267 9.36 4.98 7.10
N VAL B 268 8.64 4.13 7.84
CA VAL B 268 8.91 2.69 7.70
C VAL B 268 8.56 2.20 6.30
N LEU B 269 7.48 2.70 5.71
CA LEU B 269 7.18 2.35 4.33
C LEU B 269 8.35 2.67 3.42
N ALA B 270 9.07 3.74 3.70
CA ALA B 270 10.20 4.08 2.85
C ALA B 270 11.40 3.17 3.06
N THR B 271 11.39 2.30 4.07
CA THR B 271 12.56 1.44 4.23
C THR B 271 12.52 0.26 3.28
N ASP B 272 11.42 0.09 2.54
CA ASP B 272 11.30 -0.90 1.49
C ASP B 272 12.45 -0.77 0.50
N MET B 273 13.25 -1.84 0.37
CA MET B 273 14.44 -1.77 -0.48
C MET B 273 14.09 -1.48 -1.94
N SER B 274 12.92 -1.92 -2.41
CA SER B 274 12.54 -1.65 -3.79
C SER B 274 12.33 -0.17 -4.08
N LYS B 275 12.26 0.67 -3.05
CA LYS B 275 12.08 2.10 -3.22
C LYS B 275 13.38 2.88 -3.07
N HIS B 276 14.52 2.19 -3.13
CA HIS B 276 15.81 2.84 -2.86
C HIS B 276 16.13 3.89 -3.89
N MET B 277 15.97 3.54 -5.18
CA MET B 277 16.36 4.45 -6.24
C MET B 277 15.53 5.72 -6.21
N ASN B 278 14.20 5.59 -6.08
CA ASN B 278 13.34 6.76 -6.06
C ASN B 278 13.65 7.64 -4.86
N LEU B 279 13.92 7.02 -3.71
CA LEU B 279 14.25 7.79 -2.51
C LEU B 279 15.64 8.43 -2.62
N LEU B 280 16.54 7.84 -3.40
CA LEU B 280 17.84 8.44 -3.62
C LEU B 280 17.74 9.62 -4.57
N ALA B 281 17.03 9.42 -5.69
CA ALA B 281 16.75 10.51 -6.62
C ALA B 281 16.12 11.70 -5.92
N ASP B 282 15.18 11.44 -5.02
CA ASP B 282 14.55 12.55 -4.30
C ASP B 282 15.52 13.20 -3.33
N LEU B 283 16.50 12.46 -2.83
CA LEU B 283 17.54 13.07 -2.00
C LEU B 283 18.50 13.90 -2.86
N LYS B 284 18.77 13.44 -4.08
CA LYS B 284 19.62 14.19 -5.00
C LYS B 284 18.97 15.51 -5.37
N THR B 285 17.75 15.42 -5.93
CA THR B 285 16.96 16.61 -6.23
C THR B 285 16.97 17.59 -5.06
N MET B 286 16.91 17.08 -3.83
CA MET B 286 16.99 17.96 -2.67
C MET B 286 18.37 18.57 -2.52
N VAL B 287 19.42 17.91 -3.04
CA VAL B 287 20.76 18.45 -2.83
C VAL B 287 21.07 19.55 -3.85
N GLU B 288 20.66 19.37 -5.10
CA GLU B 288 20.82 20.45 -6.08
C GLU B 288 20.07 21.71 -5.62
N THR B 289 18.77 21.58 -5.37
CA THR B 289 17.94 22.68 -4.90
C THR B 289 18.11 22.91 -3.40
N LYS B 290 19.23 22.46 -2.82
CA LYS B 290 19.47 22.66 -1.40
C LYS B 290 19.50 24.14 -1.06
N LYS B 291 18.84 24.48 0.05
CA LYS B 291 18.86 25.82 0.62
C LYS B 291 19.30 25.72 2.07
N VAL B 292 20.10 26.70 2.50
CA VAL B 292 20.92 26.54 3.69
C VAL B 292 21.22 27.92 4.26
N THR B 293 21.34 28.00 5.58
CA THR B 293 21.57 29.28 6.23
C THR B 293 23.00 29.78 6.00
N SER B 294 23.23 31.01 6.50
CA SER B 294 24.57 31.56 6.66
C SER B 294 25.52 30.52 7.24
N SER B 295 25.18 30.07 8.45
CA SER B 295 26.01 29.21 9.29
C SER B 295 25.87 27.73 8.97
N GLY B 296 25.54 27.37 7.72
CA GLY B 296 25.59 26.00 7.28
C GLY B 296 24.36 25.14 7.55
N VAL B 297 23.45 25.56 8.43
CA VAL B 297 22.32 24.71 8.81
C VAL B 297 21.27 24.69 7.70
N LEU B 298 20.62 23.53 7.55
CA LEU B 298 19.73 23.26 6.43
C LEU B 298 18.35 23.87 6.65
N LEU B 299 17.71 24.27 5.56
CA LEU B 299 16.39 24.89 5.59
C LEU B 299 15.41 24.02 4.81
N LEU B 300 14.50 23.38 5.53
CA LEU B 300 13.43 22.59 4.94
C LEU B 300 12.11 23.11 5.50
N ASP B 301 11.16 23.42 4.62
CA ASP B 301 10.00 24.17 5.08
C ASP B 301 8.71 23.39 5.02
N ASN B 302 8.43 22.68 3.93
CA ASN B 302 7.19 21.92 3.82
C ASN B 302 7.44 20.48 4.21
N TYR B 303 6.50 19.92 4.99
CA TYR B 303 6.49 18.53 5.41
C TYR B 303 7.09 17.60 4.36
N SER B 304 6.67 17.79 3.10
CA SER B 304 7.08 16.89 2.03
C SER B 304 8.60 16.74 1.93
N ASP B 305 9.33 17.87 2.02
CA ASP B 305 10.77 17.80 2.04
C ASP B 305 11.30 17.19 3.34
N ARG B 306 10.74 17.61 4.49
CA ARG B 306 11.28 17.15 5.76
C ARG B 306 11.08 15.64 5.94
N ILE B 307 9.89 15.14 5.61
CA ILE B 307 9.65 13.71 5.76
C ILE B 307 10.56 12.93 4.82
N GLN B 308 10.92 13.52 3.67
CA GLN B 308 11.87 12.87 2.77
C GLN B 308 13.26 12.79 3.37
N VAL B 309 13.68 13.82 4.12
CA VAL B 309 14.95 13.75 4.82
C VAL B 309 14.91 12.65 5.88
N LEU B 310 13.77 12.50 6.57
CA LEU B 310 13.65 11.47 7.59
C LEU B 310 13.55 10.08 6.99
N GLN B 311 12.93 9.95 5.81
CA GLN B 311 12.95 8.68 5.11
C GLN B 311 14.37 8.28 4.73
N ASN B 312 15.12 9.20 4.12
CA ASN B 312 16.50 8.88 3.76
C ASN B 312 17.36 8.69 4.99
N MET B 313 17.06 9.38 6.09
CA MET B 313 17.91 9.23 7.27
C MET B 313 17.76 7.87 7.92
N VAL B 314 16.52 7.38 8.05
CA VAL B 314 16.32 6.06 8.61
C VAL B 314 16.81 4.99 7.64
N HIS B 315 16.72 5.27 6.35
CA HIS B 315 17.27 4.39 5.32
C HIS B 315 18.80 4.38 5.36
N CYS B 316 19.43 5.54 5.57
CA CYS B 316 20.88 5.59 5.79
C CYS B 316 21.26 4.78 7.02
N ALA B 317 20.50 4.89 8.09
CA ALA B 317 20.79 4.10 9.28
C ALA B 317 20.61 2.61 9.02
N ASP B 318 19.56 2.24 8.27
CA ASP B 318 19.34 0.85 7.87
C ASP B 318 20.54 0.31 7.11
N LEU B 319 21.19 1.15 6.32
CA LEU B 319 22.24 0.74 5.42
C LEU B 319 23.60 1.26 5.87
N SER B 320 23.83 1.25 7.17
CA SER B 320 24.99 1.92 7.74
C SER B 320 26.08 0.95 8.21
N ASN B 321 25.78 -0.36 8.33
CA ASN B 321 26.78 -1.38 8.62
C ASN B 321 28.13 -1.12 7.94
N PRO B 322 28.22 -0.86 6.63
CA PRO B 322 29.55 -0.69 6.01
C PRO B 322 30.25 0.61 6.39
N THR B 323 29.54 1.56 7.03
CA THR B 323 30.13 2.81 7.51
C THR B 323 30.61 2.73 8.95
N LYS B 324 30.45 1.59 9.62
CA LYS B 324 30.84 1.44 11.01
C LYS B 324 32.26 0.91 11.11
N PRO B 325 32.84 0.90 12.33
CA PRO B 325 34.16 0.27 12.49
C PRO B 325 34.17 -1.16 11.99
N LEU B 326 35.28 -1.54 11.35
CA LEU B 326 35.34 -2.76 10.55
C LEU B 326 34.92 -4.00 11.32
N GLN B 327 35.38 -4.14 12.56
CA GLN B 327 35.09 -5.38 13.25
C GLN B 327 33.61 -5.51 13.61
N LEU B 328 32.85 -4.40 13.63
CA LEU B 328 31.39 -4.53 13.71
C LEU B 328 30.79 -4.80 12.34
N TYR B 329 31.25 -4.07 11.32
CA TYR B 329 30.83 -4.34 9.95
C TYR B 329 30.95 -5.82 9.63
N ARG B 330 32.09 -6.42 9.96
CA ARG B 330 32.34 -7.82 9.59
C ARG B 330 31.32 -8.77 10.22
N GLN B 331 30.91 -8.48 11.45
CA GLN B 331 29.88 -9.32 12.05
C GLN B 331 28.52 -9.10 11.42
N TRP B 332 28.22 -7.88 10.95
CA TRP B 332 26.97 -7.69 10.22
C TRP B 332 26.99 -8.46 8.91
N THR B 333 28.14 -8.49 8.24
CA THR B 333 28.27 -9.28 7.01
C THR B 333 28.05 -10.76 7.28
N ASP B 334 28.72 -11.31 8.29
CA ASP B 334 28.49 -12.72 8.67
C ASP B 334 27.00 -12.98 8.84
N ARG B 335 26.31 -12.09 9.56
CA ARG B 335 24.91 -12.32 9.87
C ARG B 335 24.01 -12.21 8.64
N ILE B 336 24.28 -11.24 7.76
CA ILE B 336 23.42 -11.13 6.57
C ILE B 336 23.59 -12.35 5.68
N MET B 337 24.82 -12.85 5.56
CA MET B 337 25.08 -14.01 4.73
C MET B 337 24.46 -15.27 5.34
N GLU B 338 24.53 -15.41 6.66
CA GLU B 338 23.88 -16.57 7.27
C GLU B 338 22.37 -16.52 7.12
N GLU B 339 21.81 -15.33 6.90
CA GLU B 339 20.37 -15.24 6.64
C GLU B 339 20.05 -15.41 5.15
N PHE B 340 20.90 -14.92 4.25
CA PHE B 340 20.65 -15.07 2.82
C PHE B 340 20.83 -16.51 2.34
N PHE B 341 21.82 -17.25 2.91
CA PHE B 341 22.03 -18.64 2.49
C PHE B 341 20.84 -19.50 2.89
N ARG B 342 20.29 -19.30 4.09
CA ARG B 342 19.10 -20.03 4.50
C ARG B 342 17.91 -19.74 3.58
N GLN B 343 17.76 -18.48 3.13
CA GLN B 343 16.72 -18.21 2.14
C GLN B 343 17.00 -18.97 0.85
N GLY B 344 18.27 -18.99 0.42
CA GLY B 344 18.61 -19.69 -0.81
C GLY B 344 18.52 -21.20 -0.68
N ASP B 345 18.81 -21.74 0.50
CA ASP B 345 18.48 -23.12 0.77
C ASP B 345 17.01 -23.39 0.44
N ARG B 346 16.12 -22.56 1.00
CA ARG B 346 14.69 -22.76 0.81
C ARG B 346 14.28 -22.54 -0.64
N GLU B 347 14.81 -21.50 -1.28
CA GLU B 347 14.55 -21.33 -2.71
C GLU B 347 15.06 -22.50 -3.54
N ARG B 348 15.99 -23.31 -3.02
CA ARG B 348 16.50 -24.44 -3.78
C ARG B 348 15.77 -25.73 -3.45
N GLU B 349 15.51 -25.98 -2.16
CA GLU B 349 14.72 -27.15 -1.79
C GLU B 349 13.29 -27.03 -2.29
N ARG B 350 12.92 -25.88 -2.89
CA ARG B 350 11.59 -25.64 -3.45
C ARG B 350 11.61 -25.36 -4.94
N GLY B 351 12.77 -25.32 -5.58
CA GLY B 351 12.78 -25.23 -7.03
C GLY B 351 12.72 -23.86 -7.64
N MET B 352 12.94 -22.81 -6.86
CA MET B 352 12.81 -21.45 -7.39
C MET B 352 14.15 -20.94 -7.91
N GLU B 353 14.09 -19.85 -8.67
CA GLU B 353 15.32 -19.14 -8.97
C GLU B 353 15.95 -18.74 -7.63
N ILE B 354 17.25 -18.99 -7.49
CA ILE B 354 17.94 -18.60 -6.27
C ILE B 354 18.20 -17.10 -6.32
N SER B 355 17.86 -16.40 -5.24
CA SER B 355 17.98 -14.95 -5.22
C SER B 355 19.44 -14.55 -5.15
N PRO B 356 19.79 -13.36 -5.65
CA PRO B 356 21.19 -12.92 -5.61
C PRO B 356 21.76 -13.04 -4.20
N MET B 357 23.04 -13.37 -4.14
CA MET B 357 23.79 -13.51 -2.90
C MET B 357 23.25 -14.60 -1.98
N CYS B 358 22.33 -15.44 -2.44
CA CYS B 358 21.71 -16.41 -1.55
C CYS B 358 22.15 -17.84 -1.81
N ASP B 359 23.08 -18.07 -2.72
CA ASP B 359 23.51 -19.40 -3.14
C ASP B 359 24.86 -19.70 -2.46
N LYS B 360 24.81 -20.47 -1.37
CA LYS B 360 26.05 -20.75 -0.64
C LYS B 360 27.08 -21.51 -1.47
N HIS B 361 26.67 -22.15 -2.56
CA HIS B 361 27.58 -22.87 -3.43
C HIS B 361 28.09 -22.04 -4.59
N ASN B 362 27.76 -20.73 -4.63
CA ASN B 362 28.23 -19.92 -5.74
C ASN B 362 28.35 -18.43 -5.38
N ALA B 363 28.67 -18.11 -4.13
CA ALA B 363 28.66 -16.72 -3.67
C ALA B 363 30.06 -16.24 -3.33
N SER B 364 30.37 -15.01 -3.72
CA SER B 364 31.57 -14.32 -3.28
C SER B 364 31.16 -13.25 -2.27
N VAL B 365 31.26 -13.59 -0.99
CA VAL B 365 30.89 -12.67 0.08
C VAL B 365 31.57 -11.31 -0.12
N GLU B 366 32.89 -11.35 -0.34
CA GLU B 366 33.68 -10.12 -0.38
C GLU B 366 33.39 -9.31 -1.65
N LYS B 367 33.30 -9.97 -2.81
CA LYS B 367 32.94 -9.22 -4.02
C LYS B 367 31.59 -8.57 -3.84
N SER B 368 30.63 -9.30 -3.28
CA SER B 368 29.28 -8.77 -3.11
C SER B 368 29.27 -7.55 -2.19
N GLN B 369 30.09 -7.55 -1.13
CA GLN B 369 30.14 -6.38 -0.26
C GLN B 369 30.70 -5.18 -1.00
N VAL B 370 31.76 -5.38 -1.78
CA VAL B 370 32.35 -4.30 -2.56
C VAL B 370 31.33 -3.76 -3.57
N GLY B 371 30.69 -4.64 -4.33
CA GLY B 371 29.70 -4.19 -5.29
C GLY B 371 28.51 -3.50 -4.64
N PHE B 372 28.08 -4.00 -3.48
CA PHE B 372 26.94 -3.40 -2.81
C PHE B 372 27.30 -2.03 -2.24
N ILE B 373 28.53 -1.85 -1.78
CA ILE B 373 29.00 -0.51 -1.44
C ILE B 373 28.99 0.37 -2.68
N ASP B 374 29.62 -0.10 -3.75
CA ASP B 374 29.82 0.76 -4.91
C ASP B 374 28.50 1.19 -5.54
N TYR B 375 27.52 0.28 -5.61
CA TYR B 375 26.31 0.59 -6.37
C TYR B 375 25.16 1.11 -5.53
N ILE B 376 25.16 0.86 -4.21
CA ILE B 376 24.01 1.15 -3.37
C ILE B 376 24.41 2.03 -2.20
N VAL B 377 25.38 1.58 -1.41
CA VAL B 377 25.62 2.21 -0.11
C VAL B 377 26.41 3.51 -0.26
N HIS B 378 27.48 3.49 -1.06
CA HIS B 378 28.25 4.72 -1.20
C HIS B 378 27.47 5.80 -1.92
N PRO B 379 26.83 5.54 -3.09
CA PRO B 379 25.99 6.59 -3.68
C PRO B 379 25.00 7.17 -2.70
N LEU B 380 24.41 6.32 -1.86
CA LEU B 380 23.48 6.81 -0.87
C LEU B 380 24.18 7.72 0.13
N TRP B 381 25.25 7.21 0.77
CA TRP B 381 25.92 7.98 1.81
C TRP B 381 26.67 9.19 1.25
N GLU B 382 26.99 9.20 -0.03
CA GLU B 382 27.67 10.37 -0.57
C GLU B 382 26.68 11.45 -0.95
N THR B 383 25.51 11.05 -1.47
CA THR B 383 24.47 12.04 -1.67
C THR B 383 24.00 12.61 -0.34
N TRP B 384 23.93 11.77 0.71
CA TRP B 384 23.66 12.31 2.03
C TRP B 384 24.80 13.19 2.50
N ALA B 385 26.04 12.83 2.13
CA ALA B 385 27.18 13.66 2.50
C ALA B 385 27.04 15.06 1.93
N ASP B 386 26.62 15.18 0.67
CA ASP B 386 26.44 16.49 0.06
C ASP B 386 25.33 17.29 0.75
N LEU B 387 24.22 16.63 1.11
CA LEU B 387 23.14 17.34 1.78
C LEU B 387 23.62 17.99 3.05
N VAL B 388 24.54 17.34 3.76
CA VAL B 388 24.92 17.72 5.11
C VAL B 388 26.36 18.22 5.16
N HIS B 389 26.94 18.54 4.01
CA HIS B 389 28.34 18.94 3.86
C HIS B 389 28.82 19.95 4.90
N PRO B 390 29.91 19.63 5.61
CA PRO B 390 30.74 18.43 5.50
C PRO B 390 30.67 17.47 6.71
N ASP B 391 29.56 17.47 7.47
CA ASP B 391 29.50 16.75 8.75
C ASP B 391 29.52 15.23 8.60
N ALA B 392 29.32 14.71 7.39
CA ALA B 392 29.31 13.28 7.17
C ALA B 392 30.63 12.75 6.63
N GLN B 393 31.67 13.59 6.57
CA GLN B 393 32.90 13.19 5.92
C GLN B 393 33.60 12.06 6.66
N ASP B 394 33.55 12.05 8.00
CA ASP B 394 34.15 10.94 8.74
C ASP B 394 33.48 9.63 8.38
N ILE B 395 32.14 9.58 8.49
CA ILE B 395 31.37 8.40 8.13
C ILE B 395 31.69 7.99 6.71
N LEU B 396 31.72 8.95 5.79
CA LEU B 396 32.04 8.64 4.40
C LEU B 396 33.44 8.09 4.24
N ASP B 397 34.37 8.50 5.13
CA ASP B 397 35.76 8.04 5.05
C ASP B 397 35.87 6.59 5.49
N THR B 398 35.22 6.25 6.61
CA THR B 398 35.19 4.86 7.06
C THR B 398 34.62 3.95 5.99
N LEU B 399 33.48 4.35 5.41
CA LEU B 399 32.89 3.55 4.36
C LEU B 399 33.90 3.27 3.26
N GLU B 400 34.64 4.31 2.86
CA GLU B 400 35.65 4.12 1.83
C GLU B 400 36.81 3.29 2.34
N ASP B 401 37.17 3.43 3.62
CA ASP B 401 38.17 2.57 4.22
C ASP B 401 37.72 1.10 4.22
N ASN B 402 36.47 0.88 4.67
CA ASN B 402 35.96 -0.48 4.76
C ASN B 402 35.87 -1.10 3.37
N ARG B 403 35.50 -0.29 2.38
CA ARG B 403 35.48 -0.73 0.99
C ARG B 403 36.88 -1.19 0.55
N GLU B 404 37.91 -0.42 0.89
CA GLU B 404 39.28 -0.80 0.54
C GLU B 404 39.66 -2.13 1.17
N TRP B 405 39.28 -2.37 2.43
CA TRP B 405 39.65 -3.60 3.11
C TRP B 405 38.98 -4.81 2.46
N TYR B 406 37.65 -4.75 2.26
CA TYR B 406 36.96 -5.87 1.61
C TYR B 406 37.57 -6.15 0.24
N GLN B 407 37.87 -5.09 -0.54
CA GLN B 407 38.52 -5.28 -1.84
C GLN B 407 39.87 -5.95 -1.69
N SER B 408 40.61 -5.67 -0.62
CA SER B 408 41.91 -6.30 -0.45
C SER B 408 41.81 -7.77 -0.07
N THR B 409 40.66 -8.21 0.48
CA THR B 409 40.46 -9.64 0.75
C THR B 409 40.18 -10.45 -0.51
N ILE B 410 40.02 -9.81 -1.66
CA ILE B 410 39.77 -10.48 -2.92
C ILE B 410 41.11 -10.68 -3.64
N PRO B 411 41.54 -11.92 -3.89
CA PRO B 411 42.85 -12.15 -4.52
C PRO B 411 42.92 -11.72 -5.98
ZN ZN C . -17.44 0.45 -5.75
MG MG D . -14.72 0.70 -3.34
C1 1GF E . -16.97 12.39 -1.41
C2 1GF E . -18.03 13.29 -1.34
C3 1GF E . -19.28 12.94 -1.81
C4 1GF E . -19.47 11.67 -2.32
C5 1GF E . -18.45 10.72 -2.38
C10 1GF E . -18.77 9.35 -2.89
C11 1GF E . -22.35 10.05 -3.83
C12 1GF E . -22.67 8.91 -4.55
C13 1GF E . -21.80 7.80 -4.61
C14 1GF E . -20.54 7.93 -4.01
C36 1GF E . -20.62 17.10 -3.36
C37 1GF E . -20.37 16.41 -2.18
C39 1GF E . -18.85 6.55 -5.02
C43 1GF E . -18.48 3.43 -4.56
C44 1GF E . -19.00 4.08 -5.79
C24 1GF E . -14.82 10.63 -4.44
C25 1GF E . -14.66 10.25 -5.88
C6 1GF E . -17.14 11.11 -1.96
C16 1GF E . -23.48 6.54 -5.77
O7 1GF E . -20.76 11.40 -2.78
C8 1GF E . -21.08 10.17 -3.30
C9 1GF E . -20.14 9.12 -3.39
O15 1GF E . -23.90 8.88 -5.16
C17 1GF E . -22.30 6.57 -5.17
O18 1GF E . -17.97 8.43 -2.81
O19 1GF E . -15.74 12.73 -0.91
C20 1GF E . -15.61 12.56 0.51
O21 1GF E . -17.74 14.48 -0.72
C22 1GF E . -15.91 10.28 -2.16
C23 1GF E . -15.66 10.01 -3.62
C26 1GF E . -13.96 11.76 -3.99
O27 1GF E . -19.78 6.78 -3.95
C28 1GF E . -24.22 7.80 -6.10
C29 1GF E . -23.75 8.36 -7.43
C30 1GF E . -25.73 7.59 -6.09
C31 1GF E . -18.82 15.41 -0.49
C32 1GF E . -19.08 16.10 -1.79
C33 1GF E . -18.03 16.45 -2.63
C34 1GF E . -18.26 17.14 -3.81
C35 1GF E . -19.54 17.46 -4.13
F38 1GF E . -19.77 18.20 -5.24
C40 1GF E . -19.19 5.40 -5.93
O41 1GF E . -18.32 2.22 -4.62
O42 1GF E . -18.23 4.09 -3.47
ZN ZN F . 16.27 -3.09 8.53
MG MG G . 13.45 -3.89 6.57
C1 1GF H . 19.96 -6.37 -3.22
C2 1GF H . 21.20 -6.86 -3.59
C3 1GF H . 22.20 -7.01 -2.65
C4 1GF H . 21.92 -6.71 -1.33
C5 1GF H . 20.67 -6.25 -0.90
C10 1GF H . 20.46 -6.02 0.55
C11 1GF H . 24.01 -6.69 1.63
C12 1GF H . 23.96 -6.32 2.96
C13 1GF H . 22.75 -5.99 3.61
C14 1GF H . 21.60 -5.94 2.82
C36 1GF H . 24.30 -4.80 -6.30
C37 1GF H . 23.29 -5.70 -6.02
C39 1GF H . 19.89 -4.35 3.54
C43 1GF H . 18.05 -4.39 6.09
C44 1GF H . 19.31 -3.63 5.93
C24 1GF H . 18.53 -2.89 -1.96
C25 1GF H . 18.75 -1.50 -1.41
C6 1GF H . 19.66 -6.05 -1.90
C16 1GF H . 23.91 -5.81 5.70
O7 1GF H . 22.98 -6.89 -0.46
C8 1GF H . 22.84 -6.62 0.89
C9 1GF H . 21.62 -6.20 1.44
O15 1GF H . 25.16 -6.28 3.64
C17 1GF H . 22.78 -5.82 5.04
O18 1GF H . 19.36 -5.78 1.01
O19 1GF H . 18.99 -6.20 -4.19
C20 1GF H . 18.31 -7.38 -4.61
O21 1GF H . 21.33 -7.23 -4.90
C22 1GF H . 18.33 -5.39 -1.62
C23 1GF H . 18.52 -3.96 -1.19
C26 1GF H . 18.26 -2.94 -3.42
O27 1GF H . 20.41 -5.70 3.52
C28 1GF H . 25.24 -5.73 4.99
C29 1GF H . 25.63 -4.28 4.77
C30 1GF H . 26.32 -6.48 5.73
C31 1GF H . 22.50 -7.96 -5.28
C32 1GF H . 23.59 -6.96 -5.53
C33 1GF H . 24.92 -7.29 -5.28
C34 1GF H . 25.93 -6.40 -5.55
C35 1GF H . 25.60 -5.18 -6.07
F38 1GF H . 26.61 -4.37 -6.50
C40 1GF H . 20.07 -3.65 4.83
O41 1GF H . 17.43 -4.24 7.14
O42 1GF H . 17.59 -5.17 5.15
#